data_3KW1
#
_entry.id   3KW1
#
_cell.length_a   78.840
_cell.length_b   71.547
_cell.length_c   102.507
_cell.angle_alpha   90.00
_cell.angle_beta   102.92
_cell.angle_gamma   90.00
#
_symmetry.space_group_name_H-M   'P 1 21 1'
#
loop_
_entity.id
_entity.type
_entity.pdbx_description
1 polymer 'Fluoroacetyl-CoA thioesterase'
2 non-polymer '2-({N-[(2S)-2,4-dihydroxy-3,3-dimethylbutanoyl]-beta-alanyl}amino)ethyl fluoroacetate'
3 water water
#
_entity_poly.entity_id   1
_entity_poly.type   'polypeptide(L)'
_entity_poly.pdbx_seq_one_letter_code
;MKDGMRVGERFTHDFVVPPHKTVRHLYPESPEFAEFPEVFATGFMVGLMEWACVRAMAPYLEPGEGSLGTAICVTHTAAT
PPGLTVTVTAELRSVEGRRLSWRVSAHDGVDEIGSGTHERAVIHLEKFNAKVRQKTPAG
;
_entity_poly.pdbx_strand_id   A,B,C,D,E,F,G,H
#
loop_
_chem_comp.id
_chem_comp.type
_chem_comp.name
_chem_comp.formula
ENW non-polymer '2-({N-[(2S)-2,4-dihydroxy-3,3-dimethylbutanoyl]-beta-alanyl}amino)ethyl fluoroacetate' 'C13 H23 F N2 O6'
#
# COMPACT_ATOMS: atom_id res chain seq x y z
N MET A 5 -17.63 -44.65 -20.23
CA MET A 5 -18.01 -43.19 -20.18
C MET A 5 -16.98 -42.23 -20.85
N ARG A 6 -17.46 -41.24 -21.60
CA ARG A 6 -16.55 -40.46 -22.48
C ARG A 6 -16.20 -39.01 -22.07
N VAL A 7 -14.90 -38.75 -21.88
CA VAL A 7 -14.38 -37.39 -21.70
C VAL A 7 -14.90 -36.43 -22.77
N GLY A 8 -15.30 -35.23 -22.33
CA GLY A 8 -15.92 -34.25 -23.19
C GLY A 8 -17.43 -34.47 -23.36
N GLU A 9 -17.97 -35.59 -22.84
CA GLU A 9 -19.44 -35.84 -22.73
C GLU A 9 -20.18 -34.78 -21.89
N ARG A 10 -21.25 -34.19 -22.46
CA ARG A 10 -21.98 -33.06 -21.85
C ARG A 10 -23.45 -33.33 -21.58
N PHE A 11 -23.89 -32.98 -20.39
CA PHE A 11 -25.28 -33.11 -19.99
C PHE A 11 -25.83 -31.73 -19.56
N THR A 12 -27.05 -31.42 -19.98
CA THR A 12 -27.77 -30.26 -19.49
C THR A 12 -28.99 -30.66 -18.64
N HIS A 13 -29.18 -29.94 -17.55
CA HIS A 13 -30.19 -30.18 -16.52
C HIS A 13 -30.87 -28.80 -16.32
N ASP A 14 -32.19 -28.70 -16.46
CA ASP A 14 -32.89 -27.38 -16.31
C ASP A 14 -33.73 -27.52 -15.05
N PHE A 15 -33.81 -26.43 -14.27
CA PHE A 15 -34.51 -26.48 -13.02
C PHE A 15 -35.08 -25.14 -12.71
N VAL A 16 -36.42 -25.06 -12.59
CA VAL A 16 -37.03 -23.80 -12.24
C VAL A 16 -36.82 -23.58 -10.73
N VAL A 17 -36.24 -22.45 -10.36
CA VAL A 17 -35.94 -22.21 -8.93
C VAL A 17 -37.22 -21.91 -8.13
N PRO A 18 -37.54 -22.74 -7.13
CA PRO A 18 -38.72 -22.42 -6.38
C PRO A 18 -38.42 -21.50 -5.23
N PRO A 19 -39.47 -20.90 -4.65
CA PRO A 19 -39.22 -20.02 -3.50
C PRO A 19 -38.44 -20.69 -2.35
N HIS A 20 -38.56 -22.00 -2.18
CA HIS A 20 -37.93 -22.62 -1.01
C HIS A 20 -36.48 -23.04 -1.30
N LYS A 21 -35.79 -22.35 -2.20
CA LYS A 21 -34.36 -22.72 -2.32
C LYS A 21 -33.48 -21.53 -2.10
N THR A 22 -33.85 -20.74 -1.12
CA THR A 22 -33.05 -19.59 -0.68
C THR A 22 -32.17 -20.01 0.43
N VAL A 23 -31.29 -19.09 0.76
CA VAL A 23 -30.45 -19.17 1.89
C VAL A 23 -31.20 -19.53 3.19
N ARG A 24 -32.38 -18.93 3.45
CA ARG A 24 -33.13 -19.22 4.71
C ARG A 24 -33.62 -20.64 4.77
N HIS A 25 -33.84 -21.24 3.61
CA HIS A 25 -34.36 -22.59 3.53
C HIS A 25 -33.29 -23.67 3.64
N LEU A 26 -32.03 -23.28 3.42
CA LEU A 26 -30.98 -24.27 3.49
C LEU A 26 -30.81 -24.65 4.96
N TYR A 27 -30.84 -23.64 5.83
CA TYR A 27 -30.80 -23.88 7.30
C TYR A 27 -31.91 -23.09 7.95
N PRO A 28 -33.09 -23.67 8.03
CA PRO A 28 -34.08 -22.97 8.82
C PRO A 28 -33.72 -22.89 10.32
N GLU A 29 -32.72 -23.63 10.80
CA GLU A 29 -32.32 -23.48 12.22
C GLU A 29 -31.50 -22.25 12.55
N SER A 30 -31.18 -21.45 11.54
CA SER A 30 -30.24 -20.39 11.70
C SER A 30 -30.90 -19.03 11.79
N PRO A 31 -30.81 -18.38 12.96
CA PRO A 31 -31.30 -16.99 13.08
C PRO A 31 -30.51 -16.06 12.21
N GLU A 32 -29.21 -16.36 12.05
CA GLU A 32 -28.31 -15.50 11.33
C GLU A 32 -28.62 -15.38 9.81
N PHE A 33 -29.28 -16.37 9.20
CA PHE A 33 -29.68 -16.35 7.76
C PHE A 33 -31.13 -15.87 7.56
N ALA A 34 -31.80 -15.66 8.68
CA ALA A 34 -33.22 -15.30 8.73
C ALA A 34 -33.60 -14.13 7.83
N GLU A 35 -32.75 -13.11 7.75
CA GLU A 35 -33.05 -11.94 6.85
C GLU A 35 -32.16 -11.80 5.59
N PHE A 36 -31.62 -12.92 5.10
CA PHE A 36 -30.84 -12.87 3.87
C PHE A 36 -31.70 -12.56 2.66
N PRO A 37 -31.11 -12.03 1.55
CA PRO A 37 -31.94 -11.95 0.36
C PRO A 37 -32.51 -13.32 -0.08
N GLU A 38 -33.65 -13.24 -0.75
CA GLU A 38 -34.40 -14.35 -1.28
C GLU A 38 -33.87 -14.77 -2.62
N VAL A 39 -32.63 -15.17 -2.65
CA VAL A 39 -32.00 -15.63 -3.86
C VAL A 39 -31.48 -17.08 -3.61
N PHE A 40 -31.23 -17.79 -4.70
CA PHE A 40 -30.76 -19.18 -4.81
C PHE A 40 -29.45 -19.36 -4.05
N ALA A 41 -29.48 -20.27 -3.06
CA ALA A 41 -28.33 -20.42 -2.14
C ALA A 41 -27.18 -21.16 -2.85
N THR A 42 -25.94 -20.87 -2.49
CA THR A 42 -24.78 -21.62 -3.02
C THR A 42 -24.92 -23.09 -2.76
N GLY A 43 -25.35 -23.44 -1.55
CA GLY A 43 -25.43 -24.86 -1.20
C GLY A 43 -26.48 -25.53 -2.07
N PHE A 44 -27.57 -24.84 -2.44
CA PHE A 44 -28.58 -25.46 -3.32
C PHE A 44 -28.02 -25.50 -4.76
N MET A 45 -27.27 -24.47 -5.14
CA MET A 45 -26.60 -24.46 -6.45
C MET A 45 -25.60 -25.61 -6.61
N VAL A 46 -24.81 -25.87 -5.57
CA VAL A 46 -23.90 -27.04 -5.46
C VAL A 46 -24.70 -28.32 -5.63
N GLY A 47 -25.80 -28.46 -4.89
CA GLY A 47 -26.67 -29.58 -5.00
C GLY A 47 -27.19 -29.83 -6.40
N LEU A 48 -27.56 -28.75 -7.11
CA LEU A 48 -28.10 -28.87 -8.43
C LEU A 48 -27.02 -29.27 -9.42
N MET A 49 -25.80 -28.80 -9.21
CA MET A 49 -24.69 -29.21 -10.06
C MET A 49 -24.33 -30.66 -9.85
N GLU A 50 -24.37 -31.11 -8.59
CA GLU A 50 -24.18 -32.53 -8.26
C GLU A 50 -25.27 -33.41 -8.85
N TRP A 51 -26.51 -32.97 -8.77
CA TRP A 51 -27.64 -33.69 -9.40
C TRP A 51 -27.42 -33.86 -10.93
N ALA A 52 -26.94 -32.83 -11.63
CA ALA A 52 -26.66 -32.94 -13.07
C ALA A 52 -25.66 -34.11 -13.38
N CYS A 53 -24.57 -34.17 -12.63
CA CYS A 53 -23.52 -35.16 -12.77
C CYS A 53 -23.95 -36.56 -12.38
N VAL A 54 -24.75 -36.67 -11.33
CA VAL A 54 -25.25 -37.98 -10.93
C VAL A 54 -26.18 -38.47 -12.04
N ARG A 55 -26.96 -37.57 -12.64
CA ARG A 55 -27.81 -38.02 -13.75
C ARG A 55 -27.00 -38.55 -14.95
N ALA A 56 -26.00 -37.79 -15.37
CA ALA A 56 -25.07 -38.16 -16.45
C ALA A 56 -24.33 -39.48 -16.22
N MET A 57 -23.87 -39.73 -14.99
CA MET A 57 -23.13 -40.97 -14.74
C MET A 57 -24.01 -42.19 -14.49
N ALA A 58 -25.30 -41.99 -14.21
CA ALA A 58 -26.18 -43.11 -13.86
C ALA A 58 -26.12 -44.27 -14.85
N PRO A 59 -26.16 -43.99 -16.18
CA PRO A 59 -26.28 -45.15 -17.09
C PRO A 59 -25.00 -45.96 -17.24
N TYR A 60 -23.99 -45.66 -16.42
CA TYR A 60 -22.67 -46.26 -16.54
C TYR A 60 -22.24 -47.01 -15.29
N LEU A 61 -23.07 -46.94 -14.25
CA LEU A 61 -22.78 -47.53 -12.97
C LEU A 61 -23.20 -48.97 -12.95
N GLU A 62 -22.43 -49.84 -12.27
CA GLU A 62 -22.79 -51.26 -12.23
C GLU A 62 -23.84 -51.49 -11.12
N PRO A 63 -24.63 -52.57 -11.20
CA PRO A 63 -25.58 -52.78 -10.09
C PRO A 63 -24.84 -52.77 -8.75
N GLY A 64 -25.42 -52.12 -7.75
CA GLY A 64 -24.79 -52.03 -6.41
C GLY A 64 -23.71 -50.96 -6.22
N GLU A 65 -23.49 -50.18 -7.28
CA GLU A 65 -22.65 -48.99 -7.22
C GLU A 65 -23.49 -47.70 -7.13
N GLY A 66 -22.94 -46.73 -6.41
CA GLY A 66 -23.34 -45.35 -6.50
C GLY A 66 -22.14 -44.44 -6.51
N SER A 67 -22.32 -43.23 -6.01
CA SER A 67 -21.23 -42.24 -6.01
C SER A 67 -21.43 -41.17 -4.94
N LEU A 68 -20.35 -40.45 -4.69
CA LEU A 68 -20.38 -39.35 -3.72
C LEU A 68 -19.60 -38.23 -4.28
N GLY A 69 -19.99 -37.00 -3.92
CA GLY A 69 -19.23 -35.81 -4.29
C GLY A 69 -18.02 -35.75 -3.39
N THR A 70 -16.86 -35.50 -3.96
CA THR A 70 -15.62 -35.50 -3.20
C THR A 70 -14.98 -34.09 -3.25
N ALA A 71 -15.52 -33.21 -4.07
CA ALA A 71 -14.99 -31.84 -4.15
C ALA A 71 -15.92 -30.98 -5.01
N ILE A 72 -16.03 -29.72 -4.61
CA ILE A 72 -16.76 -28.73 -5.39
C ILE A 72 -15.92 -27.43 -5.37
N CYS A 73 -15.66 -26.88 -6.52
CA CYS A 73 -14.91 -25.62 -6.55
C CYS A 73 -15.56 -24.72 -7.61
N VAL A 74 -16.35 -23.76 -7.19
CA VAL A 74 -17.13 -22.96 -8.12
C VAL A 74 -17.16 -21.53 -7.63
N THR A 75 -17.36 -20.64 -8.58
CA THR A 75 -17.74 -19.27 -8.28
C THR A 75 -19.27 -19.13 -8.31
N HIS A 76 -19.75 -18.04 -7.76
CA HIS A 76 -21.15 -17.78 -7.77
C HIS A 76 -21.23 -16.30 -8.02
N THR A 77 -21.48 -15.97 -9.28
CA THR A 77 -21.14 -14.65 -9.83
C THR A 77 -22.35 -13.75 -10.10
N ALA A 78 -23.55 -14.31 -10.03
CA ALA A 78 -24.75 -13.49 -10.10
C ALA A 78 -25.85 -14.19 -9.33
N ALA A 79 -26.80 -13.40 -8.86
CA ALA A 79 -27.91 -13.89 -8.03
C ALA A 79 -29.20 -14.23 -8.77
N THR A 80 -29.94 -15.20 -8.22
CA THR A 80 -31.11 -15.71 -8.87
C THR A 80 -32.32 -15.77 -7.96
N PRO A 81 -33.32 -14.92 -8.23
CA PRO A 81 -34.57 -14.96 -7.49
C PRO A 81 -35.39 -16.17 -7.96
N PRO A 82 -36.35 -16.63 -7.14
CA PRO A 82 -37.19 -17.74 -7.59
C PRO A 82 -37.93 -17.42 -8.91
N GLY A 83 -38.14 -18.42 -9.77
CA GLY A 83 -38.97 -18.23 -10.93
C GLY A 83 -38.14 -18.38 -12.20
N LEU A 84 -36.84 -18.06 -12.12
CA LEU A 84 -35.94 -18.22 -13.27
C LEU A 84 -35.54 -19.68 -13.45
N THR A 85 -35.29 -20.07 -14.71
CA THR A 85 -34.77 -21.40 -15.00
C THR A 85 -33.24 -21.45 -14.91
N VAL A 86 -32.70 -22.25 -14.01
CA VAL A 86 -31.25 -22.42 -14.00
C VAL A 86 -30.91 -23.60 -14.88
N THR A 87 -30.04 -23.39 -15.86
CA THR A 87 -29.60 -24.51 -16.65
C THR A 87 -28.18 -24.78 -16.22
N VAL A 88 -27.93 -25.99 -15.75
CA VAL A 88 -26.60 -26.46 -15.43
C VAL A 88 -26.05 -27.26 -16.60
N THR A 89 -24.82 -26.97 -17.02
CA THR A 89 -24.10 -27.83 -17.97
C THR A 89 -22.99 -28.63 -17.28
N ALA A 90 -23.02 -29.95 -17.39
CA ALA A 90 -21.95 -30.81 -16.85
C ALA A 90 -21.18 -31.45 -18.01
N GLU A 91 -19.89 -31.15 -18.11
CA GLU A 91 -19.05 -31.75 -19.15
C GLU A 91 -17.96 -32.54 -18.49
N LEU A 92 -17.91 -33.83 -18.80
CA LEU A 92 -16.93 -34.67 -18.15
C LEU A 92 -15.49 -34.31 -18.62
N ARG A 93 -14.60 -34.03 -17.66
CA ARG A 93 -13.22 -33.64 -17.99
C ARG A 93 -12.22 -34.79 -17.79
N SER A 94 -12.45 -35.65 -16.82
CA SER A 94 -11.65 -36.88 -16.76
C SER A 94 -12.34 -37.98 -16.02
N VAL A 95 -12.03 -39.22 -16.38
CA VAL A 95 -12.41 -40.38 -15.58
C VAL A 95 -11.17 -41.17 -15.44
N GLU A 96 -10.78 -41.45 -14.21
CA GLU A 96 -9.62 -42.28 -13.98
C GLU A 96 -10.05 -43.32 -12.97
N GLY A 97 -10.47 -44.47 -13.46
CA GLY A 97 -10.97 -45.53 -12.59
C GLY A 97 -12.25 -45.07 -11.90
N ARG A 98 -12.17 -44.92 -10.58
CA ARG A 98 -13.33 -44.58 -9.77
C ARG A 98 -13.63 -43.07 -9.66
N ARG A 99 -12.76 -42.23 -10.25
CA ARG A 99 -12.76 -40.79 -10.05
C ARG A 99 -13.21 -40.09 -11.29
N LEU A 100 -14.27 -39.31 -11.17
CA LEU A 100 -14.76 -38.47 -12.29
C LEU A 100 -14.67 -37.01 -11.96
N SER A 101 -14.18 -36.25 -12.93
CA SER A 101 -14.09 -34.83 -12.80
C SER A 101 -14.88 -34.11 -13.88
N TRP A 102 -15.77 -33.22 -13.44
CA TRP A 102 -16.67 -32.52 -14.35
C TRP A 102 -16.40 -31.00 -14.31
N ARG A 103 -16.40 -30.37 -15.49
CA ARG A 103 -16.57 -28.95 -15.54
C ARG A 103 -18.08 -28.64 -15.49
N VAL A 104 -18.48 -27.85 -14.47
CA VAL A 104 -19.87 -27.46 -14.30
C VAL A 104 -20.00 -25.96 -14.47
N SER A 105 -21.12 -25.55 -15.06
CA SER A 105 -21.45 -24.15 -15.12
C SER A 105 -22.97 -24.00 -15.09
N ALA A 106 -23.46 -22.84 -14.65
CA ALA A 106 -24.92 -22.66 -14.57
C ALA A 106 -25.21 -21.24 -15.03
N HIS A 107 -26.40 -21.01 -15.64
CA HIS A 107 -26.84 -19.71 -16.04
C HIS A 107 -28.31 -19.69 -15.75
N ASP A 108 -28.88 -18.53 -15.42
CA ASP A 108 -30.31 -18.51 -15.06
C ASP A 108 -31.23 -17.99 -16.16
N GLY A 109 -30.76 -18.03 -17.39
CA GLY A 109 -31.48 -17.41 -18.52
C GLY A 109 -31.11 -15.93 -18.72
N VAL A 110 -30.64 -15.29 -17.66
CA VAL A 110 -30.29 -13.90 -17.72
C VAL A 110 -28.76 -13.70 -17.59
N ASP A 111 -28.17 -14.33 -16.59
CA ASP A 111 -26.76 -14.21 -16.29
C ASP A 111 -26.17 -15.62 -16.14
N GLU A 112 -24.92 -15.80 -16.55
CA GLU A 112 -24.06 -16.86 -16.00
C GLU A 112 -23.98 -16.67 -14.49
N ILE A 113 -24.28 -17.71 -13.75
CA ILE A 113 -24.36 -17.53 -12.31
C ILE A 113 -23.16 -18.19 -11.64
N GLY A 114 -22.44 -19.08 -12.33
CA GLY A 114 -21.46 -19.87 -11.63
C GLY A 114 -20.81 -20.88 -12.52
N SER A 115 -19.61 -21.30 -12.14
CA SER A 115 -18.64 -21.96 -13.00
C SER A 115 -17.64 -22.66 -12.12
N GLY A 116 -17.19 -23.83 -12.53
CA GLY A 116 -16.07 -24.50 -11.91
C GLY A 116 -15.96 -25.99 -12.11
N THR A 117 -15.50 -26.70 -11.07
CA THR A 117 -15.32 -28.16 -11.15
C THR A 117 -16.02 -28.93 -10.02
N HIS A 118 -16.45 -30.14 -10.33
CA HIS A 118 -17.05 -31.05 -9.38
C HIS A 118 -16.39 -32.41 -9.55
N GLU A 119 -15.91 -33.01 -8.45
CA GLU A 119 -15.38 -34.38 -8.50
C GLU A 119 -16.27 -35.32 -7.70
N ARG A 120 -16.38 -36.55 -8.19
CA ARG A 120 -17.19 -37.60 -7.58
C ARG A 120 -16.41 -38.91 -7.57
N ALA A 121 -16.74 -39.75 -6.63
CA ALA A 121 -16.16 -41.09 -6.57
C ALA A 121 -17.20 -42.18 -6.60
N VAL A 122 -17.01 -43.18 -7.46
CA VAL A 122 -17.86 -44.36 -7.49
C VAL A 122 -17.56 -45.19 -6.25
N ILE A 123 -18.60 -45.63 -5.55
CA ILE A 123 -18.53 -46.40 -4.31
C ILE A 123 -19.31 -47.70 -4.44
N HIS A 124 -18.89 -48.71 -3.67
CA HIS A 124 -19.63 -49.97 -3.46
C HIS A 124 -20.56 -49.71 -2.31
N LEU A 125 -21.84 -49.60 -2.62
CA LEU A 125 -22.88 -49.15 -1.70
C LEU A 125 -23.04 -49.95 -0.40
N GLU A 126 -22.77 -51.26 -0.43
CA GLU A 126 -22.93 -52.11 0.76
C GLU A 126 -21.73 -51.87 1.67
N LYS A 127 -20.57 -51.84 1.04
CA LYS A 127 -19.30 -51.67 1.71
C LYS A 127 -19.15 -50.25 2.27
N PHE A 128 -19.52 -49.25 1.48
CA PHE A 128 -19.57 -47.89 2.00
C PHE A 128 -20.54 -47.74 3.16
N ASN A 129 -21.79 -48.20 2.98
CA ASN A 129 -22.82 -48.13 4.02
C ASN A 129 -22.45 -48.83 5.34
N ALA A 130 -21.75 -49.97 5.24
CA ALA A 130 -21.14 -50.65 6.41
C ALA A 130 -20.12 -49.75 7.15
N LYS A 131 -19.18 -49.15 6.41
CA LYS A 131 -18.29 -48.10 6.92
C LYS A 131 -18.98 -46.88 7.61
N VAL A 132 -20.11 -46.39 7.08
CA VAL A 132 -20.83 -45.33 7.79
C VAL A 132 -21.36 -45.81 9.17
N ARG A 133 -21.82 -47.07 9.23
CA ARG A 133 -22.38 -47.66 10.46
C ARG A 133 -21.36 -47.73 11.58
N GLN A 134 -20.11 -48.07 11.26
CA GLN A 134 -19.06 -48.16 12.29
C GLN A 134 -18.68 -46.78 12.92
N LYS A 135 -19.28 -45.69 12.40
CA LYS A 135 -19.11 -44.38 13.02
C LYS A 135 -20.44 -43.71 13.32
N THR A 136 -21.52 -44.45 13.17
CA THR A 136 -22.84 -43.90 13.51
C THR A 136 -23.02 -44.01 15.01
N PRO A 137 -23.37 -42.88 15.67
CA PRO A 137 -23.50 -43.00 17.13
C PRO A 137 -24.71 -43.91 17.46
N MET B 5 -11.95 -6.04 11.33
CA MET B 5 -11.63 -7.48 11.59
C MET B 5 -10.25 -7.89 11.13
N ARG B 6 -9.60 -8.73 11.92
CA ARG B 6 -8.20 -9.02 11.73
C ARG B 6 -7.96 -10.29 10.96
N VAL B 7 -7.26 -10.18 9.84
CA VAL B 7 -6.70 -11.35 9.14
C VAL B 7 -6.00 -12.30 10.14
N GLY B 8 -6.24 -13.61 10.03
CA GLY B 8 -5.69 -14.56 10.99
C GLY B 8 -6.63 -15.01 12.13
N GLU B 9 -7.67 -14.22 12.38
CA GLU B 9 -8.69 -14.52 13.42
C GLU B 9 -9.43 -15.78 13.00
N ARG B 10 -9.74 -16.63 13.98
CA ARG B 10 -10.46 -17.89 13.78
C ARG B 10 -11.78 -17.87 14.57
N PHE B 11 -12.82 -18.43 13.95
CA PHE B 11 -14.06 -18.65 14.64
C PHE B 11 -14.46 -20.09 14.47
N THR B 12 -14.92 -20.73 15.54
CA THR B 12 -15.34 -22.13 15.33
C THR B 12 -16.79 -22.32 15.72
N HIS B 13 -17.47 -23.20 15.01
CA HIS B 13 -18.85 -23.36 15.24
C HIS B 13 -19.26 -24.81 15.11
N ASP B 14 -20.02 -25.29 16.10
CA ASP B 14 -20.39 -26.73 16.22
C ASP B 14 -21.83 -26.96 15.88
N PHE B 15 -22.14 -28.11 15.29
CA PHE B 15 -23.48 -28.40 14.81
C PHE B 15 -23.69 -29.88 14.87
N VAL B 16 -24.64 -30.31 15.65
CA VAL B 16 -24.97 -31.72 15.63
C VAL B 16 -25.78 -31.97 14.37
N VAL B 17 -25.36 -32.92 13.56
CA VAL B 17 -26.04 -33.14 12.29
C VAL B 17 -27.40 -33.83 12.55
N PRO B 18 -28.53 -33.20 12.14
CA PRO B 18 -29.79 -33.90 12.29
C PRO B 18 -30.02 -34.89 11.18
N PRO B 19 -31.01 -35.81 11.36
CA PRO B 19 -31.40 -36.73 10.30
C PRO B 19 -31.69 -36.08 8.96
N HIS B 20 -32.27 -34.88 8.93
CA HIS B 20 -32.73 -34.28 7.68
C HIS B 20 -31.73 -33.37 6.96
N LYS B 21 -30.45 -33.65 7.10
CA LYS B 21 -29.46 -32.93 6.34
C LYS B 21 -28.63 -33.88 5.50
N THR B 22 -29.28 -34.91 4.96
CA THR B 22 -28.65 -35.80 4.03
C THR B 22 -28.94 -35.35 2.60
N VAL B 23 -28.31 -36.01 1.62
CA VAL B 23 -28.46 -35.58 0.23
C VAL B 23 -29.92 -35.62 -0.24
N ARG B 24 -30.71 -36.60 0.24
CA ARG B 24 -32.14 -36.68 -0.11
C ARG B 24 -32.97 -35.50 0.36
N HIS B 25 -32.51 -34.81 1.41
CA HIS B 25 -33.21 -33.65 2.00
C HIS B 25 -32.86 -32.32 1.38
N LEU B 26 -31.69 -32.27 0.76
CA LEU B 26 -31.29 -31.08 0.02
C LEU B 26 -32.24 -30.84 -1.14
N TYR B 27 -32.50 -31.91 -1.86
CA TYR B 27 -33.46 -31.90 -2.97
C TYR B 27 -34.48 -33.03 -2.78
N PRO B 28 -35.53 -32.78 -1.97
CA PRO B 28 -36.63 -33.73 -1.75
C PRO B 28 -37.38 -34.04 -3.06
N GLU B 29 -37.32 -33.10 -4.01
CA GLU B 29 -37.85 -33.22 -5.37
C GLU B 29 -37.04 -34.05 -6.39
N SER B 30 -35.88 -34.55 -6.00
CA SER B 30 -35.10 -35.40 -6.89
C SER B 30 -35.29 -36.92 -6.65
N PRO B 31 -35.84 -37.65 -7.65
CA PRO B 31 -35.86 -39.12 -7.62
C PRO B 31 -34.49 -39.73 -7.63
N GLU B 32 -33.56 -39.11 -8.36
CA GLU B 32 -32.20 -39.60 -8.45
C GLU B 32 -31.43 -39.57 -7.11
N PHE B 33 -31.75 -38.66 -6.17
CA PHE B 33 -31.10 -38.69 -4.84
C PHE B 33 -31.86 -39.49 -3.79
N ALA B 34 -33.04 -39.99 -4.15
CA ALA B 34 -33.97 -40.56 -3.17
C ALA B 34 -33.37 -41.73 -2.40
N GLU B 35 -32.61 -42.62 -3.08
CA GLU B 35 -31.93 -43.78 -2.39
C GLU B 35 -30.43 -43.64 -2.03
N PHE B 36 -29.94 -42.41 -1.88
CA PHE B 36 -28.52 -42.20 -1.57
C PHE B 36 -28.25 -42.56 -0.10
N PRO B 37 -26.97 -42.82 0.26
CA PRO B 37 -26.67 -43.12 1.67
C PRO B 37 -27.08 -41.93 2.54
N GLU B 38 -27.47 -42.22 3.79
CA GLU B 38 -27.90 -41.18 4.72
C GLU B 38 -26.70 -40.46 5.35
N VAL B 39 -25.99 -39.67 4.54
CA VAL B 39 -24.83 -38.95 5.04
C VAL B 39 -25.04 -37.44 4.80
N PHE B 40 -24.39 -36.62 5.63
CA PHE B 40 -24.33 -35.15 5.49
C PHE B 40 -24.03 -34.75 4.06
N ALA B 41 -24.93 -33.97 3.43
CA ALA B 41 -24.72 -33.47 2.05
C ALA B 41 -23.67 -32.35 1.93
N THR B 42 -22.93 -32.39 0.82
CA THR B 42 -21.90 -31.41 0.51
C THR B 42 -22.58 -30.06 0.50
N GLY B 43 -23.74 -29.94 -0.15
CA GLY B 43 -24.45 -28.62 -0.15
C GLY B 43 -24.84 -28.11 1.26
N PHE B 44 -25.16 -29.03 2.19
CA PHE B 44 -25.36 -28.64 3.57
C PHE B 44 -24.01 -28.30 4.32
N MET B 45 -22.90 -28.96 3.96
CA MET B 45 -21.64 -28.64 4.58
C MET B 45 -21.17 -27.26 4.15
N VAL B 46 -21.38 -26.94 2.88
CA VAL B 46 -21.10 -25.62 2.33
C VAL B 46 -21.92 -24.57 3.10
N GLY B 47 -23.22 -24.81 3.25
CA GLY B 47 -24.06 -23.83 4.00
C GLY B 47 -23.60 -23.65 5.44
N LEU B 48 -23.08 -24.75 6.08
CA LEU B 48 -22.61 -24.70 7.45
C LEU B 48 -21.30 -23.88 7.55
N MET B 49 -20.48 -23.93 6.47
CA MET B 49 -19.27 -23.16 6.33
C MET B 49 -19.53 -21.65 6.12
N GLU B 50 -20.49 -21.33 5.24
CA GLU B 50 -21.02 -19.98 5.09
C GLU B 50 -21.55 -19.45 6.38
N TRP B 51 -22.37 -20.24 7.06
CA TRP B 51 -22.98 -19.85 8.34
C TRP B 51 -21.89 -19.42 9.33
N ALA B 52 -20.84 -20.22 9.49
CA ALA B 52 -19.69 -19.81 10.30
C ALA B 52 -19.08 -18.50 9.92
N CYS B 53 -18.82 -18.25 8.63
CA CYS B 53 -18.19 -17.02 8.18
C CYS B 53 -19.14 -15.84 8.42
N VAL B 54 -20.42 -16.00 8.08
CA VAL B 54 -21.41 -14.95 8.37
C VAL B 54 -21.41 -14.64 9.88
N ARG B 55 -21.35 -15.62 10.77
CA ARG B 55 -21.38 -15.32 12.22
C ARG B 55 -20.16 -14.50 12.61
N ALA B 56 -18.98 -14.88 12.12
CA ALA B 56 -17.72 -14.15 12.33
C ALA B 56 -17.76 -12.69 11.84
N MET B 57 -18.35 -12.49 10.68
CA MET B 57 -18.51 -11.17 10.10
C MET B 57 -19.51 -10.27 10.81
N ALA B 58 -20.59 -10.83 11.36
CA ALA B 58 -21.73 -10.00 11.82
C ALA B 58 -21.36 -8.74 12.66
N PRO B 59 -20.41 -8.86 13.61
CA PRO B 59 -19.98 -7.65 14.40
C PRO B 59 -19.42 -6.44 13.60
N TYR B 60 -19.05 -6.69 12.33
CA TYR B 60 -18.28 -5.74 11.55
C TYR B 60 -19.06 -5.10 10.42
N LEU B 61 -20.35 -5.42 10.27
CA LEU B 61 -21.16 -4.84 9.23
C LEU B 61 -21.91 -3.56 9.70
N GLU B 62 -22.15 -2.59 8.82
CA GLU B 62 -22.92 -1.41 9.18
C GLU B 62 -24.37 -1.83 9.09
N PRO B 63 -25.30 -1.14 9.81
CA PRO B 63 -26.70 -1.49 9.52
C PRO B 63 -27.01 -1.29 8.03
N GLY B 64 -27.93 -2.10 7.53
CA GLY B 64 -28.25 -2.06 6.10
C GLY B 64 -27.40 -2.96 5.16
N GLU B 65 -26.23 -3.42 5.64
CA GLU B 65 -25.32 -4.27 4.89
C GLU B 65 -25.48 -5.74 5.29
N GLY B 66 -25.29 -6.64 4.33
CA GLY B 66 -25.07 -8.06 4.64
C GLY B 66 -23.99 -8.62 3.72
N SER B 67 -24.14 -9.87 3.30
CA SER B 67 -23.09 -10.43 2.43
C SER B 67 -23.70 -11.60 1.72
N LEU B 68 -23.03 -11.99 0.64
CA LEU B 68 -23.38 -13.16 -0.13
C LEU B 68 -22.13 -13.93 -0.42
N GLY B 69 -22.24 -15.24 -0.56
CA GLY B 69 -21.08 -16.06 -0.95
C GLY B 69 -20.82 -15.96 -2.45
N THR B 70 -19.57 -15.71 -2.83
CA THR B 70 -19.15 -15.51 -4.23
C THR B 70 -18.22 -16.60 -4.76
N ALA B 71 -17.65 -17.43 -3.89
CA ALA B 71 -16.93 -18.56 -4.39
C ALA B 71 -16.79 -19.57 -3.27
N ILE B 72 -16.68 -20.84 -3.62
CA ILE B 72 -16.39 -21.92 -2.62
C ILE B 72 -15.44 -22.93 -3.26
N CYS B 73 -14.41 -23.31 -2.51
CA CYS B 73 -13.48 -24.36 -3.08
C CYS B 73 -13.09 -25.33 -1.98
N VAL B 74 -13.78 -26.45 -1.90
CA VAL B 74 -13.62 -27.34 -0.78
C VAL B 74 -13.59 -28.79 -1.20
N THR B 75 -12.96 -29.61 -0.35
CA THR B 75 -12.97 -31.05 -0.56
C THR B 75 -13.97 -31.63 0.43
N HIS B 76 -14.52 -32.80 0.13
CA HIS B 76 -15.43 -33.52 1.03
C HIS B 76 -14.89 -34.96 1.16
N THR B 77 -14.14 -35.23 2.22
CA THR B 77 -13.19 -36.38 2.25
C THR B 77 -13.58 -37.58 3.12
N ALA B 78 -14.61 -37.40 3.95
CA ALA B 78 -15.16 -38.48 4.76
C ALA B 78 -16.64 -38.20 4.98
N ALA B 79 -17.44 -39.26 5.11
CA ALA B 79 -18.88 -39.22 5.26
C ALA B 79 -19.33 -39.13 6.73
N THR B 80 -20.39 -38.35 6.98
CA THR B 80 -20.85 -38.08 8.36
C THR B 80 -22.32 -38.52 8.51
N PRO B 81 -22.56 -39.52 9.35
CA PRO B 81 -23.95 -39.83 9.62
C PRO B 81 -24.56 -38.85 10.60
N PRO B 82 -25.89 -38.75 10.62
CA PRO B 82 -26.61 -37.96 11.61
C PRO B 82 -26.13 -38.27 13.01
N GLY B 83 -26.15 -37.27 13.91
CA GLY B 83 -25.72 -37.48 15.31
C GLY B 83 -24.33 -37.02 15.67
N LEU B 84 -23.38 -37.10 14.78
CA LEU B 84 -22.06 -36.64 15.12
C LEU B 84 -22.07 -35.10 15.13
N THR B 85 -21.14 -34.55 15.89
CA THR B 85 -20.98 -33.11 15.87
C THR B 85 -19.94 -32.62 14.86
N VAL B 86 -20.35 -31.76 13.93
CA VAL B 86 -19.43 -31.20 12.93
C VAL B 86 -18.95 -29.88 13.45
N THR B 87 -17.62 -29.73 13.56
CA THR B 87 -17.11 -28.40 13.95
C THR B 87 -16.50 -27.78 12.72
N VAL B 88 -16.92 -26.54 12.47
CA VAL B 88 -16.38 -25.74 11.38
C VAL B 88 -15.47 -24.63 11.95
N THR B 89 -14.28 -24.51 11.37
CA THR B 89 -13.31 -23.49 11.72
C THR B 89 -13.23 -22.56 10.52
N ALA B 90 -13.54 -21.28 10.72
CA ALA B 90 -13.43 -20.26 9.68
C ALA B 90 -12.32 -19.29 10.09
N GLU B 91 -11.31 -19.13 9.24
CA GLU B 91 -10.20 -18.21 9.52
C GLU B 91 -10.13 -17.14 8.45
N LEU B 92 -10.06 -15.88 8.87
CA LEU B 92 -9.93 -14.80 7.86
C LEU B 92 -8.53 -14.76 7.21
N ARG B 93 -8.51 -14.88 5.88
CA ARG B 93 -7.31 -14.79 5.10
C ARG B 93 -7.09 -13.38 4.55
N SER B 94 -8.14 -12.67 4.16
CA SER B 94 -8.00 -11.33 3.65
C SER B 94 -9.28 -10.55 3.61
N VAL B 95 -9.11 -9.23 3.64
CA VAL B 95 -10.16 -8.28 3.37
C VAL B 95 -9.63 -7.30 2.33
N GLU B 96 -10.27 -7.29 1.17
CA GLU B 96 -9.97 -6.35 0.10
C GLU B 96 -11.24 -5.67 -0.44
N GLY B 97 -11.53 -4.50 0.15
CA GLY B 97 -12.71 -3.71 -0.19
C GLY B 97 -13.90 -4.39 0.43
N ARG B 98 -14.86 -4.78 -0.40
CA ARG B 98 -16.05 -5.50 0.10
C ARG B 98 -15.90 -7.02 0.00
N ARG B 99 -14.69 -7.50 -0.28
CA ARG B 99 -14.38 -8.93 -0.53
C ARG B 99 -13.62 -9.54 0.61
N LEU B 100 -14.16 -10.59 1.19
CA LEU B 100 -13.47 -11.27 2.29
C LEU B 100 -13.19 -12.74 1.90
N SER B 101 -12.00 -13.24 2.20
CA SER B 101 -11.61 -14.63 1.90
C SER B 101 -11.37 -15.30 3.19
N TRP B 102 -11.85 -16.52 3.24
CA TRP B 102 -11.84 -17.33 4.41
C TRP B 102 -11.16 -18.68 4.09
N ARG B 103 -10.42 -19.19 5.04
CA ARG B 103 -10.10 -20.63 4.98
C ARG B 103 -11.13 -21.38 5.86
N VAL B 104 -11.73 -22.44 5.32
CA VAL B 104 -12.83 -23.10 6.02
C VAL B 104 -12.48 -24.58 6.16
N SER B 105 -12.78 -25.13 7.31
CA SER B 105 -12.34 -26.47 7.58
C SER B 105 -13.41 -27.12 8.45
N ALA B 106 -13.62 -28.43 8.34
CA ALA B 106 -14.72 -29.08 9.07
C ALA B 106 -14.24 -30.46 9.50
N HIS B 107 -14.65 -30.90 10.68
CA HIS B 107 -14.25 -32.18 11.27
C HIS B 107 -15.47 -32.68 12.09
N ASP B 108 -15.79 -33.96 11.98
CA ASP B 108 -16.99 -34.63 12.63
C ASP B 108 -16.73 -35.38 13.97
N GLY B 109 -15.58 -35.10 14.55
CA GLY B 109 -15.19 -35.70 15.81
C GLY B 109 -14.47 -37.02 15.53
N VAL B 110 -14.53 -37.54 14.30
CA VAL B 110 -13.86 -38.81 13.96
C VAL B 110 -12.83 -38.46 12.90
N ASP B 111 -13.31 -37.83 11.80
CA ASP B 111 -12.49 -37.54 10.62
C ASP B 111 -12.55 -36.03 10.27
N GLU B 112 -11.51 -35.51 9.64
CA GLU B 112 -11.64 -34.30 8.85
C GLU B 112 -12.60 -34.65 7.72
N ILE B 113 -13.62 -33.85 7.53
CA ILE B 113 -14.61 -34.18 6.50
C ILE B 113 -14.44 -33.25 5.28
N GLY B 114 -13.78 -32.12 5.48
CA GLY B 114 -13.51 -31.30 4.31
C GLY B 114 -12.83 -30.01 4.63
N SER B 115 -12.17 -29.41 3.64
CA SER B 115 -11.60 -28.10 3.82
C SER B 115 -11.27 -27.40 2.52
N GLY B 116 -11.11 -26.06 2.60
CA GLY B 116 -10.65 -25.24 1.51
C GLY B 116 -10.92 -23.77 1.79
N THR B 117 -11.49 -23.08 0.82
CA THR B 117 -11.61 -21.61 0.90
C THR B 117 -13.01 -21.15 0.51
N HIS B 118 -13.39 -19.97 0.97
CA HIS B 118 -14.68 -19.41 0.66
C HIS B 118 -14.53 -17.89 0.56
N GLU B 119 -15.14 -17.27 -0.41
CA GLU B 119 -15.06 -15.82 -0.57
C GLU B 119 -16.50 -15.29 -0.42
N ARG B 120 -16.66 -14.10 0.16
CA ARG B 120 -17.96 -13.43 0.37
C ARG B 120 -17.89 -11.96 -0.08
N ALA B 121 -18.98 -11.38 -0.55
CA ALA B 121 -18.96 -9.95 -0.89
C ALA B 121 -19.95 -9.27 0.02
N VAL B 122 -19.53 -8.16 0.58
CA VAL B 122 -20.35 -7.33 1.42
C VAL B 122 -21.27 -6.60 0.47
N ILE B 123 -22.55 -6.58 0.79
CA ILE B 123 -23.50 -5.94 -0.08
C ILE B 123 -24.34 -4.95 0.71
N HIS B 124 -24.86 -3.95 0.00
CA HIS B 124 -25.81 -3.03 0.61
C HIS B 124 -27.20 -3.60 0.32
N LEU B 125 -27.94 -3.99 1.38
CA LEU B 125 -29.08 -4.91 1.17
C LEU B 125 -30.21 -4.32 0.38
N GLU B 126 -30.59 -3.10 0.70
CA GLU B 126 -31.68 -2.44 -0.01
C GLU B 126 -31.41 -2.29 -1.50
N LYS B 127 -30.20 -1.89 -1.83
CA LYS B 127 -29.81 -1.75 -3.23
C LYS B 127 -29.74 -3.11 -3.97
N PHE B 128 -29.10 -4.08 -3.34
CA PHE B 128 -28.98 -5.38 -3.98
C PHE B 128 -30.36 -5.95 -4.22
N ASN B 129 -31.22 -5.91 -3.21
CA ASN B 129 -32.58 -6.43 -3.34
C ASN B 129 -33.40 -5.83 -4.45
N ALA B 130 -33.30 -4.51 -4.62
CA ALA B 130 -34.00 -3.80 -5.70
C ALA B 130 -33.44 -4.14 -7.07
N LYS B 131 -32.14 -4.28 -7.18
CA LYS B 131 -31.58 -4.77 -8.42
C LYS B 131 -32.04 -6.17 -8.79
N VAL B 132 -32.00 -7.07 -7.82
CA VAL B 132 -32.24 -8.46 -8.17
C VAL B 132 -33.72 -8.72 -8.48
N ARG B 133 -34.64 -7.97 -7.86
CA ARG B 133 -36.11 -7.94 -8.17
C ARG B 133 -36.44 -7.56 -9.65
N GLN B 134 -35.55 -6.77 -10.25
CA GLN B 134 -35.63 -6.38 -11.66
C GLN B 134 -35.19 -7.47 -12.60
N LYS B 135 -34.67 -8.58 -12.10
CA LYS B 135 -34.59 -9.74 -12.98
C LYS B 135 -35.68 -10.76 -12.73
N THR B 136 -36.48 -10.54 -11.68
CA THR B 136 -37.60 -11.44 -11.34
C THR B 136 -38.64 -11.48 -12.48
N PRO B 137 -38.98 -12.71 -12.93
CA PRO B 137 -40.13 -12.89 -13.84
C PRO B 137 -41.44 -12.41 -13.14
N MET C 5 -1.53 6.84 -19.06
CA MET C 5 -1.69 8.32 -18.80
C MET C 5 -0.46 9.13 -19.24
N ARG C 6 -0.68 10.14 -20.09
CA ARG C 6 0.42 10.74 -20.87
C ARG C 6 0.88 12.17 -20.54
N VAL C 7 2.16 12.35 -20.20
CA VAL C 7 2.73 13.72 -20.06
C VAL C 7 2.24 14.69 -21.15
N GLY C 8 1.76 15.87 -20.74
CA GLY C 8 1.28 16.89 -21.66
C GLY C 8 -0.21 16.78 -21.90
N GLU C 9 -0.80 15.69 -21.42
CA GLU C 9 -2.24 15.53 -21.39
C GLU C 9 -2.85 16.69 -20.58
N ARG C 10 -3.89 17.31 -21.15
CA ARG C 10 -4.57 18.46 -20.53
C ARG C 10 -6.03 18.16 -20.20
N PHE C 11 -6.49 18.79 -19.14
CA PHE C 11 -7.88 18.72 -18.76
C PHE C 11 -8.33 20.13 -18.41
N THR C 12 -9.52 20.56 -18.86
CA THR C 12 -10.09 21.82 -18.47
C THR C 12 -11.37 21.57 -17.62
N HIS C 13 -11.49 22.27 -16.48
CA HIS C 13 -12.58 22.16 -15.54
C HIS C 13 -13.18 23.61 -15.37
N ASP C 14 -14.44 23.84 -15.75
CA ASP C 14 -15.12 25.13 -15.48
C ASP C 14 -15.99 25.07 -14.21
N PHE C 15 -16.05 26.18 -13.48
CA PHE C 15 -16.79 26.22 -12.22
C PHE C 15 -17.29 27.60 -12.00
N VAL C 16 -18.61 27.78 -12.01
CA VAL C 16 -19.17 29.06 -11.60
C VAL C 16 -19.06 29.31 -10.07
N VAL C 17 -18.43 30.41 -9.68
CA VAL C 17 -18.11 30.60 -8.25
C VAL C 17 -19.43 30.99 -7.53
N PRO C 18 -19.85 30.21 -6.53
CA PRO C 18 -21.05 30.60 -5.76
C PRO C 18 -20.73 31.51 -4.57
N PRO C 19 -21.77 32.05 -3.92
CA PRO C 19 -21.51 33.04 -2.89
C PRO C 19 -20.80 32.46 -1.67
N HIS C 20 -20.88 31.14 -1.51
CA HIS C 20 -20.33 30.46 -0.35
C HIS C 20 -18.89 29.91 -0.58
N LYS C 21 -18.17 30.44 -1.54
CA LYS C 21 -16.81 30.03 -1.64
C LYS C 21 -15.78 31.10 -1.30
N THR C 22 -16.13 31.94 -0.33
CA THR C 22 -15.25 32.98 0.14
C THR C 22 -14.53 32.55 1.38
N VAL C 23 -13.53 33.33 1.67
CA VAL C 23 -12.78 33.31 2.89
C VAL C 23 -13.55 32.98 4.17
N ARG C 24 -14.66 33.71 4.43
CA ARG C 24 -15.47 33.46 5.65
C ARG C 24 -16.12 32.09 5.65
N HIS C 25 -16.29 31.51 4.47
CA HIS C 25 -16.96 30.21 4.36
C HIS C 25 -15.98 29.06 4.47
N LEU C 26 -14.68 29.35 4.25
CA LEU C 26 -13.62 28.35 4.45
C LEU C 26 -13.48 28.06 5.93
N TYR C 27 -13.56 29.12 6.74
CA TYR C 27 -13.47 28.93 8.21
C TYR C 27 -14.54 29.84 8.86
N PRO C 28 -15.80 29.32 8.96
CA PRO C 28 -16.84 30.09 9.69
C PRO C 28 -16.49 30.20 11.18
N GLU C 29 -15.61 29.32 11.68
CA GLU C 29 -15.08 29.35 13.07
C GLU C 29 -14.23 30.58 13.36
N SER C 30 -13.82 31.31 12.33
CA SER C 30 -12.81 32.31 12.49
C SER C 30 -13.45 33.68 12.60
N PRO C 31 -13.32 34.35 13.76
CA PRO C 31 -13.71 35.79 13.86
C PRO C 31 -12.77 36.70 13.04
N GLU C 32 -11.52 36.28 12.89
CA GLU C 32 -10.54 37.05 12.08
C GLU C 32 -10.86 37.15 10.55
N PHE C 33 -11.59 36.18 9.99
CA PHE C 33 -11.96 36.13 8.56
C PHE C 33 -13.38 36.61 8.29
N ALA C 34 -14.16 36.74 9.38
CA ALA C 34 -15.58 37.13 9.34
C ALA C 34 -15.83 38.41 8.52
N GLU C 35 -14.93 39.38 8.62
CA GLU C 35 -15.12 40.61 7.79
C GLU C 35 -14.32 40.68 6.45
N PHE C 36 -13.75 39.58 5.99
CA PHE C 36 -12.94 39.67 4.77
C PHE C 36 -13.78 39.97 3.54
N PRO C 37 -13.16 40.52 2.45
CA PRO C 37 -13.79 40.72 1.14
C PRO C 37 -14.44 39.44 0.69
N GLU C 38 -15.55 39.62 -0.03
CA GLU C 38 -16.32 38.50 -0.49
C GLU C 38 -15.77 38.09 -1.84
N VAL C 39 -14.58 37.47 -1.83
CA VAL C 39 -13.90 36.96 -3.03
C VAL C 39 -13.50 35.48 -2.86
N PHE C 40 -13.43 34.77 -3.97
CA PHE C 40 -13.02 33.36 -3.99
C PHE C 40 -11.78 33.16 -3.12
N ALA C 41 -11.86 32.27 -2.11
CA ALA C 41 -10.69 31.98 -1.21
C ALA C 41 -9.56 31.13 -1.85
N THR C 42 -8.33 31.31 -1.40
CA THR C 42 -7.22 30.58 -1.96
C THR C 42 -7.42 29.13 -1.67
N GLY C 43 -7.86 28.79 -0.46
CA GLY C 43 -8.01 27.33 -0.21
C GLY C 43 -9.11 26.70 -1.08
N PHE C 44 -10.15 27.46 -1.42
CA PHE C 44 -11.12 26.93 -2.35
C PHE C 44 -10.55 26.86 -3.79
N MET C 45 -9.72 27.83 -4.19
CA MET C 45 -9.11 27.80 -5.55
C MET C 45 -8.23 26.58 -5.63
N VAL C 46 -7.45 26.37 -4.56
CA VAL C 46 -6.57 25.19 -4.45
C VAL C 46 -7.41 23.90 -4.53
N GLY C 47 -8.55 23.85 -3.82
CA GLY C 47 -9.40 22.68 -3.90
C GLY C 47 -9.96 22.47 -5.29
N LEU C 48 -10.26 23.57 -6.01
CA LEU C 48 -10.79 23.47 -7.38
C LEU C 48 -9.70 22.91 -8.34
N MET C 49 -8.45 23.34 -8.11
CA MET C 49 -7.33 22.85 -8.90
C MET C 49 -7.10 21.35 -8.63
N GLU C 50 -7.19 20.91 -7.36
CA GLU C 50 -7.06 19.43 -7.00
C GLU C 50 -8.18 18.66 -7.65
N TRP C 51 -9.39 19.24 -7.67
CA TRP C 51 -10.58 18.54 -8.20
C TRP C 51 -10.39 18.35 -9.72
N ALA C 52 -9.90 19.37 -10.43
CA ALA C 52 -9.45 19.22 -11.82
C ALA C 52 -8.51 18.00 -12.02
N CYS C 53 -7.42 17.90 -11.25
CA CYS C 53 -6.47 16.82 -11.43
C CYS C 53 -7.03 15.46 -11.02
N VAL C 54 -7.89 15.44 -9.99
CA VAL C 54 -8.55 14.19 -9.61
C VAL C 54 -9.39 13.64 -10.76
N ARG C 55 -10.12 14.50 -11.47
CA ARG C 55 -10.95 14.02 -12.55
C ARG C 55 -10.11 13.53 -13.71
N ALA C 56 -9.04 14.25 -14.01
CA ALA C 56 -8.12 13.90 -15.11
C ALA C 56 -7.54 12.51 -14.94
N MET C 57 -7.25 12.15 -13.70
CA MET C 57 -6.49 10.96 -13.42
C MET C 57 -7.41 9.79 -13.13
N ALA C 58 -8.72 10.06 -12.96
CA ALA C 58 -9.69 9.02 -12.52
C ALA C 58 -9.64 7.78 -13.44
N PRO C 59 -9.63 7.99 -14.75
CA PRO C 59 -9.76 6.87 -15.70
C PRO C 59 -8.54 5.90 -15.69
N TYR C 60 -7.48 6.23 -14.95
CA TYR C 60 -6.28 5.40 -14.90
C TYR C 60 -5.98 4.75 -13.54
N LEU C 61 -6.88 4.89 -12.57
CA LEU C 61 -6.73 4.19 -11.30
C LEU C 61 -7.19 2.71 -11.42
N GLU C 62 -6.53 1.82 -10.68
CA GLU C 62 -6.98 0.43 -10.61
C GLU C 62 -7.95 0.33 -9.45
N PRO C 63 -8.77 -0.74 -9.43
CA PRO C 63 -9.60 -1.05 -8.26
C PRO C 63 -8.82 -0.93 -6.95
N GLY C 64 -9.41 -0.23 -5.99
CA GLY C 64 -8.85 -0.06 -4.66
C GLY C 64 -7.81 1.01 -4.50
N GLU C 65 -7.45 1.68 -5.62
CA GLU C 65 -6.58 2.89 -5.63
C GLU C 65 -7.33 4.23 -5.58
N GLY C 66 -6.71 5.16 -4.84
CA GLY C 66 -7.17 6.54 -4.75
C GLY C 66 -5.96 7.40 -4.89
N SER C 67 -6.12 8.67 -4.58
CA SER C 67 -4.97 9.57 -4.60
C SER C 67 -5.14 10.65 -3.57
N LEU C 68 -4.03 11.26 -3.18
CA LEU C 68 -4.08 12.38 -2.25
C LEU C 68 -3.20 13.52 -2.76
N GLY C 69 -3.52 14.77 -2.41
CA GLY C 69 -2.62 15.88 -2.74
C GLY C 69 -1.42 15.84 -1.85
N THR C 70 -0.24 16.04 -2.44
CA THR C 70 0.98 16.04 -1.63
C THR C 70 1.79 17.34 -1.75
N ALA C 71 1.48 18.18 -2.75
CA ALA C 71 2.03 19.54 -2.75
C ALA C 71 1.06 20.43 -3.50
N ILE C 72 1.03 21.71 -3.11
CA ILE C 72 0.38 22.79 -3.87
C ILE C 72 1.32 24.00 -3.83
N CYS C 73 1.59 24.59 -5.00
CA CYS C 73 2.43 25.78 -5.07
C CYS C 73 1.80 26.68 -6.14
N VAL C 74 1.20 27.77 -5.70
CA VAL C 74 0.49 28.67 -6.64
C VAL C 74 0.65 30.11 -6.21
N THR C 75 0.41 30.97 -7.19
CA THR C 75 0.15 32.38 -6.95
C THR C 75 -1.36 32.61 -7.04
N HIS C 76 -1.83 33.61 -6.33
CA HIS C 76 -3.21 34.08 -6.50
C HIS C 76 -3.14 35.54 -6.91
N THR C 77 -3.35 35.82 -8.20
CA THR C 77 -2.89 37.13 -8.76
C THR C 77 -4.02 38.11 -9.04
N ALA C 78 -5.27 37.61 -8.93
CA ALA C 78 -6.45 38.50 -9.10
C ALA C 78 -7.62 37.98 -8.28
N ALA C 79 -8.54 38.87 -7.97
CA ALA C 79 -9.64 38.59 -7.08
C ALA C 79 -10.89 38.23 -7.86
N THR C 80 -11.66 37.25 -7.38
CA THR C 80 -12.88 36.78 -8.09
C THR C 80 -14.12 36.85 -7.21
N PRO C 81 -15.12 37.69 -7.57
CA PRO C 81 -16.35 37.74 -6.83
C PRO C 81 -17.24 36.55 -7.29
N PRO C 82 -18.20 36.13 -6.46
CA PRO C 82 -19.22 35.14 -6.90
C PRO C 82 -19.89 35.44 -8.27
N GLY C 83 -20.19 34.37 -9.01
CA GLY C 83 -20.91 34.53 -10.26
C GLY C 83 -20.06 34.47 -11.52
N LEU C 84 -18.75 34.71 -11.40
CA LEU C 84 -17.88 34.53 -12.55
C LEU C 84 -17.54 33.02 -12.68
N THR C 85 -17.21 32.60 -13.90
CA THR C 85 -16.75 31.24 -14.21
C THR C 85 -15.26 31.12 -14.13
N VAL C 86 -14.77 30.34 -13.19
CA VAL C 86 -13.35 30.01 -13.10
C VAL C 86 -13.08 28.78 -14.01
N THR C 87 -12.15 28.91 -14.98
CA THR C 87 -11.69 27.80 -15.78
C THR C 87 -10.31 27.41 -15.31
N VAL C 88 -10.17 26.20 -14.82
CA VAL C 88 -8.84 25.64 -14.41
C VAL C 88 -8.39 24.77 -15.55
N THR C 89 -7.14 24.96 -15.96
CA THR C 89 -6.47 24.08 -16.90
C THR C 89 -5.48 23.30 -16.07
N ALA C 90 -5.43 21.97 -16.26
CA ALA C 90 -4.50 21.08 -15.64
C ALA C 90 -3.70 20.32 -16.70
N GLU C 91 -2.39 20.47 -16.70
CA GLU C 91 -1.56 19.74 -17.64
C GLU C 91 -0.59 18.78 -16.93
N LEU C 92 -0.56 17.50 -17.28
CA LEU C 92 0.39 16.59 -16.61
C LEU C 92 1.84 16.89 -16.98
N ARG C 93 2.71 17.05 -15.99
CA ARG C 93 4.10 17.39 -16.27
C ARG C 93 5.08 16.23 -16.02
N SER C 94 4.86 15.45 -14.97
CA SER C 94 5.75 14.32 -14.68
C SER C 94 4.97 13.20 -14.01
N VAL C 95 5.46 11.97 -14.24
CA VAL C 95 5.11 10.80 -13.46
C VAL C 95 6.35 9.95 -13.18
N GLU C 96 6.85 9.93 -11.94
CA GLU C 96 7.69 8.78 -11.55
C GLU C 96 7.17 7.99 -10.33
N GLY C 97 6.73 6.78 -10.62
CA GLY C 97 6.23 5.91 -9.59
C GLY C 97 4.78 6.26 -9.37
N ARG C 98 4.45 6.55 -8.10
CA ARG C 98 3.07 6.81 -7.69
C ARG C 98 2.72 8.31 -7.74
N ARG C 99 3.75 9.15 -7.89
CA ARG C 99 3.66 10.61 -7.86
C ARG C 99 3.44 11.27 -9.24
N LEU C 100 2.39 12.06 -9.32
CA LEU C 100 2.07 12.78 -10.56
C LEU C 100 2.13 14.27 -10.24
N SER C 101 2.68 15.02 -11.18
CA SER C 101 2.83 16.44 -11.00
C SER C 101 2.19 17.14 -12.18
N TRP C 102 1.31 18.08 -11.84
CA TRP C 102 0.47 18.79 -12.77
C TRP C 102 0.82 20.27 -12.77
N ARG C 103 0.85 20.87 -13.96
CA ARG C 103 0.82 22.30 -14.05
C ARG C 103 -0.68 22.68 -14.02
N VAL C 104 -1.06 23.57 -13.09
CA VAL C 104 -2.44 24.06 -12.99
C VAL C 104 -2.51 25.59 -13.23
N SER C 105 -3.52 26.10 -13.91
CA SER C 105 -3.67 27.54 -13.92
C SER C 105 -5.17 27.84 -13.99
N ALA C 106 -5.53 29.05 -13.60
CA ALA C 106 -6.94 29.39 -13.48
C ALA C 106 -7.17 30.83 -13.98
N HIS C 107 -8.25 31.04 -14.68
CA HIS C 107 -8.72 32.40 -15.07
C HIS C 107 -10.24 32.45 -14.76
N ASP C 108 -10.76 33.66 -14.54
CA ASP C 108 -12.18 33.83 -14.23
C ASP C 108 -12.96 34.49 -15.37
N GLY C 109 -12.45 34.40 -16.58
CA GLY C 109 -13.10 35.03 -17.73
C GLY C 109 -12.75 36.49 -17.86
N VAL C 110 -12.21 37.09 -16.79
CA VAL C 110 -11.74 38.49 -16.81
C VAL C 110 -10.20 38.56 -16.69
N ASP C 111 -9.64 37.93 -15.67
CA ASP C 111 -8.23 38.02 -15.34
C ASP C 111 -7.74 36.57 -15.13
N GLU C 112 -6.48 36.29 -15.47
CA GLU C 112 -5.76 35.19 -14.83
C GLU C 112 -5.75 35.43 -13.32
N ILE C 113 -6.13 34.43 -12.53
CA ILE C 113 -6.29 34.56 -11.09
C ILE C 113 -5.20 33.75 -10.42
N GLY C 114 -4.59 32.80 -11.14
CA GLY C 114 -3.37 32.15 -10.60
C GLY C 114 -2.85 30.92 -11.32
N SER C 115 -1.66 30.47 -10.95
CA SER C 115 -1.00 29.38 -11.63
C SER C 115 0.04 28.72 -10.73
N GLY C 116 0.46 27.53 -11.06
CA GLY C 116 1.49 26.88 -10.24
C GLY C 116 1.49 25.41 -10.55
N THR C 117 1.81 24.63 -9.54
CA THR C 117 1.92 23.19 -9.69
C THR C 117 1.20 22.48 -8.56
N HIS C 118 0.69 21.30 -8.87
CA HIS C 118 0.09 20.46 -7.87
C HIS C 118 0.61 19.05 -8.08
N GLU C 119 0.95 18.38 -6.99
CA GLU C 119 1.44 17.01 -7.00
C GLU C 119 0.50 16.11 -6.23
N ARG C 120 0.32 14.90 -6.74
CA ARG C 120 -0.50 13.90 -6.08
C ARG C 120 0.23 12.56 -5.97
N ALA C 121 -0.18 11.75 -4.98
CA ALA C 121 0.33 10.39 -4.80
C ALA C 121 -0.82 9.44 -4.94
N VAL C 122 -0.63 8.40 -5.74
CA VAL C 122 -1.58 7.31 -5.85
C VAL C 122 -1.45 6.50 -4.56
N ILE C 123 -2.56 6.12 -3.97
CA ILE C 123 -2.54 5.33 -2.71
C ILE C 123 -3.36 4.03 -2.87
N HIS C 124 -2.96 3.01 -2.11
CA HIS C 124 -3.75 1.78 -1.89
C HIS C 124 -4.68 2.20 -0.77
N LEU C 125 -5.96 2.37 -1.09
CA LEU C 125 -6.98 2.87 -0.14
C LEU C 125 -7.10 2.08 1.17
N GLU C 126 -7.16 0.76 1.10
CA GLU C 126 -7.29 -0.05 2.31
C GLU C 126 -6.06 0.06 3.25
N LYS C 127 -4.87 0.00 2.68
CA LYS C 127 -3.63 0.19 3.43
C LYS C 127 -3.59 1.58 4.08
N PHE C 128 -3.83 2.61 3.26
CA PHE C 128 -3.84 3.99 3.73
C PHE C 128 -4.82 4.23 4.86
N ASN C 129 -6.05 3.78 4.68
CA ASN C 129 -7.07 3.94 5.71
C ASN C 129 -6.75 3.27 7.07
N ALA C 130 -6.14 2.07 7.02
CA ALA C 130 -5.62 1.37 8.20
C ALA C 130 -4.57 2.18 8.92
N LYS C 131 -3.60 2.66 8.17
CA LYS C 131 -2.59 3.62 8.61
C LYS C 131 -3.22 4.83 9.33
N VAL C 132 -4.22 5.47 8.71
CA VAL C 132 -4.86 6.64 9.34
C VAL C 132 -5.58 6.31 10.66
N ARG C 133 -6.27 5.17 10.66
CA ARG C 133 -6.87 4.60 11.88
C ARG C 133 -5.86 4.46 13.03
N GLN C 134 -4.64 4.01 12.74
CA GLN C 134 -3.66 3.89 13.82
C GLN C 134 -3.24 5.23 14.47
N LYS C 135 -3.37 6.37 13.79
CA LYS C 135 -3.20 7.69 14.46
C LYS C 135 -4.51 8.40 14.87
N THR C 136 -5.66 7.81 14.55
CA THR C 136 -6.94 8.38 14.98
C THR C 136 -7.11 8.35 16.48
N PRO C 137 -7.41 9.51 17.09
CA PRO C 137 -7.73 9.47 18.54
C PRO C 137 -9.04 8.69 18.85
N MET D 5 6.51 45.10 13.32
CA MET D 5 6.61 43.69 12.80
C MET D 5 8.07 43.23 12.70
N ARG D 6 8.52 42.40 13.63
CA ARG D 6 9.92 41.94 13.58
C ARG D 6 10.06 40.62 12.84
N VAL D 7 10.83 40.68 11.75
CA VAL D 7 11.33 39.51 11.04
C VAL D 7 11.95 38.51 12.04
N GLY D 8 11.62 37.23 11.88
CA GLY D 8 12.10 36.21 12.78
C GLY D 8 11.15 35.87 13.93
N GLU D 9 10.13 36.72 14.11
CA GLU D 9 8.96 36.48 14.95
C GLU D 9 8.18 35.26 14.47
N ARG D 10 7.66 34.53 15.43
CA ARG D 10 6.91 33.31 15.22
C ARG D 10 5.62 33.44 16.01
N PHE D 11 4.55 32.99 15.38
CA PHE D 11 3.26 32.91 16.00
C PHE D 11 2.76 31.48 15.84
N THR D 12 2.27 30.84 16.92
CA THR D 12 1.72 29.52 16.73
C THR D 12 0.23 29.56 16.87
N HIS D 13 -0.43 28.79 16.05
CA HIS D 13 -1.85 28.75 15.93
C HIS D 13 -2.30 27.29 16.07
N ASP D 14 -3.05 26.99 17.13
CA ASP D 14 -3.53 25.60 17.42
C ASP D 14 -5.03 25.44 17.02
N PHE D 15 -5.36 24.33 16.36
CA PHE D 15 -6.70 24.05 15.83
C PHE D 15 -6.98 22.54 15.98
N VAL D 16 -7.99 22.19 16.76
CA VAL D 16 -8.37 20.81 16.82
C VAL D 16 -9.21 20.59 15.58
N VAL D 17 -8.86 19.56 14.82
CA VAL D 17 -9.56 19.22 13.58
C VAL D 17 -10.95 18.60 13.83
N PRO D 18 -12.00 19.28 13.37
CA PRO D 18 -13.32 18.68 13.43
C PRO D 18 -13.61 17.75 12.24
N PRO D 19 -14.65 16.90 12.37
CA PRO D 19 -15.00 15.97 11.28
C PRO D 19 -15.31 16.63 9.99
N HIS D 20 -15.72 17.89 9.99
CA HIS D 20 -16.17 18.53 8.77
C HIS D 20 -15.09 19.33 8.07
N LYS D 21 -13.83 19.01 8.30
CA LYS D 21 -12.76 19.63 7.50
C LYS D 21 -11.96 18.61 6.68
N THR D 22 -12.62 17.51 6.35
CA THR D 22 -12.04 16.50 5.52
C THR D 22 -12.29 16.88 4.09
N VAL D 23 -11.66 16.12 3.22
CA VAL D 23 -11.77 16.45 1.82
C VAL D 23 -13.18 16.55 1.24
N ARG D 24 -14.12 15.70 1.66
CA ARG D 24 -15.48 15.72 1.04
C ARG D 24 -16.26 16.98 1.39
N HIS D 25 -15.85 17.59 2.51
CA HIS D 25 -16.43 18.81 3.02
C HIS D 25 -15.83 20.08 2.43
N LEU D 26 -14.70 20.07 1.71
CA LEU D 26 -14.31 21.33 1.02
C LEU D 26 -15.25 21.73 -0.11
N TYR D 27 -15.65 20.72 -0.87
CA TYR D 27 -16.61 20.85 -2.02
C TYR D 27 -17.67 19.79 -1.78
N PRO D 28 -18.67 20.14 -0.95
CA PRO D 28 -19.72 19.12 -0.58
C PRO D 28 -20.54 18.63 -1.77
N GLU D 29 -20.65 19.51 -2.76
CA GLU D 29 -21.28 19.35 -4.07
C GLU D 29 -20.33 18.75 -5.17
N SER D 30 -19.36 17.95 -4.75
CA SER D 30 -18.52 17.33 -5.69
C SER D 30 -18.68 15.79 -5.54
N PRO D 31 -19.19 15.10 -6.59
CA PRO D 31 -19.32 13.64 -6.51
C PRO D 31 -17.98 12.95 -6.55
N GLU D 32 -16.98 13.58 -7.17
CA GLU D 32 -15.65 13.01 -7.27
C GLU D 32 -14.97 12.91 -5.91
N PHE D 33 -15.35 13.76 -4.95
CA PHE D 33 -14.68 13.81 -3.68
C PHE D 33 -15.46 13.11 -2.57
N ALA D 34 -16.70 12.73 -2.87
CA ALA D 34 -17.68 12.23 -1.88
C ALA D 34 -17.21 10.99 -1.15
N GLU D 35 -16.31 10.23 -1.77
CA GLU D 35 -15.83 8.94 -1.24
C GLU D 35 -14.36 8.91 -0.77
N PHE D 36 -13.71 10.06 -0.77
CA PHE D 36 -12.31 10.19 -0.29
C PHE D 36 -12.12 9.83 1.20
N PRO D 37 -10.88 9.45 1.59
CA PRO D 37 -10.48 9.23 3.01
C PRO D 37 -10.84 10.44 3.86
N GLU D 38 -11.18 10.18 5.11
CA GLU D 38 -11.67 11.17 6.04
C GLU D 38 -10.51 11.89 6.72
N VAL D 39 -9.73 12.64 5.93
CA VAL D 39 -8.46 13.28 6.47
C VAL D 39 -8.55 14.75 6.14
N PHE D 40 -7.84 15.59 6.92
CA PHE D 40 -7.76 17.08 6.73
C PHE D 40 -7.40 17.49 5.30
N ALA D 41 -8.22 18.35 4.69
CA ALA D 41 -8.00 18.72 3.27
C ALA D 41 -6.88 19.70 3.15
N THR D 42 -6.11 19.60 2.07
CA THR D 42 -5.04 20.58 1.77
C THR D 42 -5.59 21.99 1.74
N GLY D 43 -6.74 22.14 1.07
CA GLY D 43 -7.38 23.44 0.98
C GLY D 43 -7.69 24.02 2.36
N PHE D 44 -8.14 23.16 3.28
CA PHE D 44 -8.37 23.62 4.67
C PHE D 44 -7.09 23.91 5.44
N MET D 45 -6.06 23.09 5.27
CA MET D 45 -4.72 23.34 5.78
C MET D 45 -4.14 24.67 5.32
N VAL D 46 -4.30 24.98 4.04
CA VAL D 46 -3.88 26.27 3.48
C VAL D 46 -4.65 27.37 4.15
N GLY D 47 -5.93 27.16 4.36
CA GLY D 47 -6.76 28.23 5.00
C GLY D 47 -6.33 28.44 6.45
N LEU D 48 -5.90 27.38 7.13
CA LEU D 48 -5.42 27.46 8.49
C LEU D 48 -4.07 28.11 8.61
N MET D 49 -3.19 27.83 7.63
CA MET D 49 -1.93 28.62 7.48
C MET D 49 -2.15 30.11 7.30
N GLU D 50 -3.08 30.44 6.42
CA GLU D 50 -3.50 31.81 6.17
C GLU D 50 -4.01 32.46 7.43
N TRP D 51 -4.90 31.77 8.14
CA TRP D 51 -5.48 32.32 9.38
C TRP D 51 -4.39 32.59 10.38
N ALA D 52 -3.39 31.71 10.48
CA ALA D 52 -2.30 31.98 11.43
C ALA D 52 -1.59 33.27 11.09
N CYS D 53 -1.31 33.50 9.81
CA CYS D 53 -0.49 34.66 9.34
C CYS D 53 -1.37 35.93 9.45
N VAL D 54 -2.64 35.81 9.09
CA VAL D 54 -3.60 36.98 9.30
C VAL D 54 -3.61 37.48 10.82
N ARG D 55 -3.63 36.54 11.75
CA ARG D 55 -3.59 36.84 13.16
C ARG D 55 -2.30 37.54 13.51
N ALA D 56 -1.16 36.93 13.12
CA ALA D 56 0.19 37.49 13.35
C ALA D 56 0.40 38.91 12.83
N MET D 57 -0.20 39.26 11.70
CA MET D 57 0.00 40.58 11.11
C MET D 57 -1.02 41.65 11.47
N ALA D 58 -2.04 41.33 12.25
CA ALA D 58 -3.11 42.28 12.56
C ALA D 58 -2.55 43.50 13.22
N PRO D 59 -1.50 43.36 14.07
CA PRO D 59 -0.93 44.65 14.60
C PRO D 59 -0.31 45.66 13.57
N TYR D 60 -0.07 45.20 12.36
CA TYR D 60 0.57 45.96 11.30
C TYR D 60 -0.49 46.75 10.47
N LEU D 61 -1.76 46.35 10.50
CA LEU D 61 -2.83 47.06 9.76
C LEU D 61 -3.16 48.48 10.30
N GLU D 62 -3.43 49.39 9.37
CA GLU D 62 -3.84 50.74 9.68
C GLU D 62 -5.34 50.70 9.51
N PRO D 63 -6.11 51.59 10.18
CA PRO D 63 -7.56 51.50 10.01
C PRO D 63 -7.96 51.57 8.54
N GLY D 64 -8.95 50.75 8.19
CA GLY D 64 -9.39 50.61 6.81
C GLY D 64 -8.56 49.70 5.92
N GLU D 65 -7.54 49.08 6.51
CA GLU D 65 -6.69 48.16 5.77
C GLU D 65 -7.07 46.73 6.09
N GLY D 66 -6.95 45.87 5.10
CA GLY D 66 -6.97 44.43 5.37
C GLY D 66 -5.87 43.72 4.63
N SER D 67 -6.01 42.43 4.46
CA SER D 67 -4.96 41.72 3.69
C SER D 67 -5.50 40.66 2.75
N LEU D 68 -4.76 40.40 1.68
CA LEU D 68 -5.08 39.18 0.95
C LEU D 68 -3.91 38.27 0.72
N GLY D 69 -4.22 36.97 0.54
CA GLY D 69 -3.17 36.02 0.23
C GLY D 69 -2.85 36.02 -1.23
N THR D 70 -1.56 36.14 -1.54
CA THR D 70 -1.06 36.23 -2.92
C THR D 70 -0.24 35.02 -3.47
N ALA D 71 0.16 34.14 -2.58
CA ALA D 71 0.89 32.97 -3.01
C ALA D 71 0.94 32.02 -1.85
N ILE D 72 0.98 30.76 -2.18
CA ILE D 72 1.16 29.72 -1.19
C ILE D 72 1.97 28.60 -1.86
N CYS D 73 2.96 28.12 -1.13
CA CYS D 73 3.79 27.05 -1.66
C CYS D 73 4.09 26.11 -0.49
N VAL D 74 3.35 25.01 -0.43
CA VAL D 74 3.43 24.03 0.67
C VAL D 74 3.44 22.57 0.21
N THR D 75 4.14 21.74 0.95
CA THR D 75 3.96 20.32 0.86
C THR D 75 2.87 19.83 1.86
N HIS D 76 2.29 18.68 1.58
CA HIS D 76 1.36 18.02 2.47
C HIS D 76 1.79 16.53 2.64
N THR D 77 2.47 16.26 3.75
CA THR D 77 3.33 15.07 3.84
C THR D 77 2.87 13.96 4.77
N ALA D 78 1.93 14.25 5.67
CA ALA D 78 1.29 13.22 6.47
C ALA D 78 -0.16 13.59 6.58
N ALA D 79 -1.01 12.56 6.72
CA ALA D 79 -2.46 12.71 6.75
C ALA D 79 -2.98 12.82 8.21
N THR D 80 -4.01 13.63 8.43
CA THR D 80 -4.52 13.92 9.79
C THR D 80 -6.01 13.57 9.92
N PRO D 81 -6.34 12.58 10.74
CA PRO D 81 -7.81 12.39 11.01
C PRO D 81 -8.39 13.46 11.96
N PRO D 82 -9.72 13.64 11.94
CA PRO D 82 -10.39 14.53 12.95
C PRO D 82 -9.96 14.25 14.38
N GLY D 83 -9.92 15.27 15.23
CA GLY D 83 -9.60 15.08 16.63
C GLY D 83 -8.19 15.43 17.06
N LEU D 84 -7.21 15.40 16.16
CA LEU D 84 -5.84 15.77 16.51
C LEU D 84 -5.75 17.31 16.49
N THR D 85 -4.82 17.90 17.25
CA THR D 85 -4.55 19.32 17.22
C THR D 85 -3.48 19.59 16.17
N VAL D 86 -3.83 20.38 15.16
CA VAL D 86 -2.82 20.85 14.20
C VAL D 86 -2.33 22.17 14.74
N THR D 87 -1.01 22.32 14.82
CA THR D 87 -0.38 23.56 15.20
C THR D 87 0.32 24.15 13.99
N VAL D 88 -0.06 25.36 13.56
CA VAL D 88 0.65 26.06 12.48
C VAL D 88 1.65 26.97 13.18
N THR D 89 2.88 27.01 12.66
CA THR D 89 3.87 27.98 13.05
C THR D 89 4.07 28.91 11.88
N ALA D 90 3.85 30.21 12.11
CA ALA D 90 3.98 31.27 11.10
C ALA D 90 5.18 32.12 11.53
N GLU D 91 6.16 32.18 10.64
CA GLU D 91 7.49 32.71 10.91
C GLU D 91 7.61 33.85 9.94
N LEU D 92 7.64 35.10 10.42
CA LEU D 92 7.88 36.23 9.51
C LEU D 92 9.31 36.24 8.88
N ARG D 93 9.32 36.16 7.57
CA ARG D 93 10.54 36.19 6.77
C ARG D 93 10.87 37.63 6.35
N SER D 94 9.87 38.36 5.90
CA SER D 94 10.08 39.75 5.50
C SER D 94 8.81 40.62 5.60
N VAL D 95 8.99 41.93 5.85
CA VAL D 95 7.94 42.94 5.65
C VAL D 95 8.55 44.07 4.87
N GLU D 96 7.97 44.38 3.72
CA GLU D 96 8.48 45.46 2.89
C GLU D 96 7.24 46.19 2.41
N GLY D 97 6.83 47.22 3.13
CA GLY D 97 5.70 48.03 2.66
C GLY D 97 4.42 47.23 2.79
N ARG D 98 3.75 46.99 1.67
CA ARG D 98 2.46 46.29 1.66
C ARG D 98 2.65 44.77 1.63
N ARG D 99 3.89 44.27 1.57
CA ARG D 99 4.17 42.88 1.20
C ARG D 99 4.80 42.17 2.37
N LEU D 100 4.15 41.06 2.77
CA LEU D 100 4.65 40.30 3.92
C LEU D 100 4.82 38.83 3.47
N SER D 101 5.90 38.19 3.94
CA SER D 101 6.14 36.80 3.58
C SER D 101 6.43 36.02 4.84
N TRP D 102 5.95 34.80 4.84
CA TRP D 102 6.01 33.92 5.99
C TRP D 102 6.63 32.60 5.63
N ARG D 103 7.30 31.96 6.56
CA ARG D 103 7.38 30.50 6.42
C ARG D 103 6.23 29.90 7.32
N VAL D 104 5.47 28.95 6.78
CA VAL D 104 4.41 28.24 7.50
C VAL D 104 4.81 26.74 7.63
N SER D 105 4.42 26.14 8.71
CA SER D 105 4.89 24.79 9.10
C SER D 105 3.70 24.28 9.92
N ALA D 106 3.29 23.03 9.73
CA ALA D 106 2.12 22.49 10.41
C ALA D 106 2.48 21.10 10.95
N HIS D 107 2.08 20.80 12.18
CA HIS D 107 2.28 19.51 12.80
C HIS D 107 0.98 19.13 13.52
N ASP D 108 0.63 17.83 13.52
CA ASP D 108 -0.61 17.37 14.13
C ASP D 108 -0.41 16.70 15.49
N GLY D 109 0.81 16.81 16.03
CA GLY D 109 1.12 16.26 17.32
C GLY D 109 1.68 14.83 17.19
N VAL D 110 1.63 14.26 15.97
CA VAL D 110 2.12 12.92 15.69
C VAL D 110 3.16 13.04 14.57
N ASP D 111 2.85 13.84 13.55
CA ASP D 111 3.71 13.98 12.37
C ASP D 111 3.82 15.46 11.93
N GLU D 112 4.93 15.84 11.29
CA GLU D 112 4.89 17.10 10.53
C GLU D 112 3.95 16.81 9.38
N ILE D 113 3.02 17.71 9.10
CA ILE D 113 2.02 17.44 8.06
C ILE D 113 2.24 18.28 6.82
N GLY D 114 3.02 19.32 6.94
CA GLY D 114 3.37 20.16 5.77
C GLY D 114 4.13 21.43 6.12
N SER D 115 4.79 22.04 5.13
CA SER D 115 5.57 23.27 5.38
C SER D 115 5.88 23.88 4.07
N GLY D 116 6.26 25.17 4.11
CA GLY D 116 6.62 25.89 2.88
C GLY D 116 6.42 27.35 3.15
N THR D 117 5.82 28.07 2.19
CA THR D 117 5.81 29.54 2.33
C THR D 117 4.43 30.11 1.99
N HIS D 118 4.22 31.36 2.37
CA HIS D 118 3.00 32.08 2.13
C HIS D 118 3.26 33.61 2.10
N GLU D 119 2.65 34.27 1.14
CA GLU D 119 2.83 35.74 0.97
C GLU D 119 1.47 36.44 1.04
N ARG D 120 1.43 37.64 1.62
CA ARG D 120 0.19 38.41 1.74
C ARG D 120 0.47 39.83 1.27
N ALA D 121 -0.59 40.50 0.87
CA ALA D 121 -0.54 41.87 0.52
C ALA D 121 -1.57 42.62 1.36
N VAL D 122 -1.12 43.72 1.91
CA VAL D 122 -2.04 44.66 2.60
C VAL D 122 -2.86 45.39 1.51
N ILE D 123 -4.17 45.45 1.72
CA ILE D 123 -5.09 46.14 0.85
C ILE D 123 -5.86 47.23 1.62
N HIS D 124 -6.28 48.27 0.89
CA HIS D 124 -7.12 49.36 1.45
C HIS D 124 -8.56 48.86 1.39
CA LEU D 125 -10.57 47.57 1.98
C LEU D 125 -11.61 48.21 1.04
N GLU D 126 -11.79 49.53 1.18
CA GLU D 126 -12.78 50.28 0.38
C GLU D 126 -12.47 50.34 -1.10
N LYS D 127 -11.21 50.55 -1.40
CA LYS D 127 -10.75 50.63 -2.78
C LYS D 127 -10.86 49.24 -3.44
N PHE D 128 -10.48 48.24 -2.66
CA PHE D 128 -10.39 46.88 -3.20
C PHE D 128 -11.82 46.41 -3.52
N ASN D 129 -12.70 46.56 -2.53
CA ASN D 129 -14.11 46.19 -2.66
C ASN D 129 -14.83 46.87 -3.79
N ALA D 130 -14.52 48.15 -4.02
CA ALA D 130 -15.04 48.88 -5.20
C ALA D 130 -14.50 48.34 -6.51
N LYS D 131 -13.20 47.99 -6.55
CA LYS D 131 -12.62 47.31 -7.71
C LYS D 131 -13.26 45.93 -7.95
N VAL D 132 -13.55 45.22 -6.85
CA VAL D 132 -14.20 43.90 -6.94
C VAL D 132 -15.61 44.05 -7.51
N ARG D 133 -16.40 44.96 -6.92
CA ARG D 133 -17.72 45.30 -7.49
C ARG D 133 -17.71 45.60 -9.00
N GLN D 134 -16.67 46.24 -9.53
CA GLN D 134 -16.57 46.47 -11.00
C GLN D 134 -16.64 45.19 -11.84
N LYS D 135 -16.03 44.08 -11.39
CA LYS D 135 -16.13 42.83 -12.17
C LYS D 135 -17.27 41.89 -11.71
N THR D 136 -18.03 42.29 -10.70
CA THR D 136 -19.16 41.47 -10.28
C THR D 136 -20.20 41.44 -11.42
N PRO D 137 -20.61 40.23 -11.84
CA PRO D 137 -21.63 40.09 -12.91
C PRO D 137 -22.99 40.66 -12.47
N MET E 5 0.61 -29.50 25.51
CA MET E 5 0.97 -28.14 24.98
C MET E 5 -0.02 -27.09 25.40
N ARG E 6 0.40 -25.82 25.41
CA ARG E 6 -0.56 -24.74 25.67
C ARG E 6 -0.94 -23.94 24.43
N VAL E 7 -2.25 -23.83 24.19
CA VAL E 7 -2.77 -22.91 23.21
C VAL E 7 -2.28 -21.50 23.57
N GLY E 8 -1.73 -20.80 22.58
CA GLY E 8 -1.14 -19.47 22.71
C GLY E 8 0.38 -19.48 22.95
N GLU E 9 0.90 -20.69 23.11
CA GLU E 9 2.32 -21.03 23.24
C GLU E 9 3.01 -20.69 21.92
N ARG E 10 4.01 -19.82 22.02
CA ARG E 10 4.82 -19.36 20.87
C ARG E 10 6.25 -19.86 20.84
N PHE E 11 6.68 -20.23 19.65
CA PHE E 11 8.06 -20.56 19.36
C PHE E 11 8.68 -19.68 18.23
N THR E 12 9.91 -19.23 18.41
CA THR E 12 10.60 -18.45 17.37
C THR E 12 11.75 -19.29 16.78
N HIS E 13 11.88 -19.35 15.45
CA HIS E 13 12.94 -20.13 14.81
C HIS E 13 13.63 -19.18 13.81
N ASP E 14 14.96 -18.99 13.87
CA ASP E 14 15.69 -18.10 12.91
C ASP E 14 16.54 -18.92 11.92
N PHE E 15 16.71 -18.39 10.70
CA PHE E 15 17.34 -19.12 9.63
C PHE E 15 17.94 -18.12 8.70
N VAL E 16 19.28 -18.06 8.64
CA VAL E 16 19.91 -17.28 7.57
C VAL E 16 19.70 -17.95 6.21
N VAL E 17 19.04 -17.26 5.30
CA VAL E 17 18.79 -17.79 3.94
C VAL E 17 20.10 -17.87 3.14
N PRO E 18 20.45 -19.11 2.70
CA PRO E 18 21.60 -19.47 1.90
C PRO E 18 21.27 -19.28 0.43
N PRO E 19 22.30 -19.19 -0.39
CA PRO E 19 22.12 -19.04 -1.83
C PRO E 19 21.32 -20.20 -2.43
N HIS E 20 21.38 -21.40 -1.86
CA HIS E 20 20.73 -22.60 -2.44
C HIS E 20 19.26 -22.82 -1.97
N LYS E 21 18.57 -21.77 -1.51
CA LYS E 21 17.14 -21.95 -1.12
C LYS E 21 16.19 -21.15 -1.99
N THR E 22 16.52 -21.11 -3.28
CA THR E 22 15.74 -20.27 -4.18
C THR E 22 14.91 -21.21 -4.99
N VAL E 23 13.96 -20.64 -5.71
CA VAL E 23 13.12 -21.37 -6.62
C VAL E 23 13.84 -22.47 -7.40
N ARG E 24 14.96 -22.10 -8.06
CA ARG E 24 15.63 -23.02 -9.00
C ARG E 24 16.25 -24.20 -8.31
N HIS E 25 16.48 -24.08 -6.99
CA HIS E 25 17.08 -25.17 -6.20
C HIS E 25 16.05 -26.10 -5.59
N LEU E 26 14.80 -25.65 -5.45
CA LEU E 26 13.74 -26.56 -5.01
C LEU E 26 13.61 -27.72 -6.02
N TYR E 27 13.58 -27.38 -7.31
CA TYR E 27 13.50 -28.37 -8.42
C TYR E 27 14.64 -28.06 -9.40
N PRO E 28 15.84 -28.60 -9.13
CA PRO E 28 16.97 -28.48 -10.07
C PRO E 28 16.62 -29.21 -11.37
N GLU E 29 15.69 -30.15 -11.32
CA GLU E 29 15.25 -30.84 -12.55
C GLU E 29 14.25 -30.04 -13.42
N SER E 30 13.99 -28.80 -13.08
CA SER E 30 12.97 -28.07 -13.81
C SER E 30 13.62 -27.09 -14.76
N PRO E 31 13.55 -27.35 -16.08
CA PRO E 31 13.94 -26.32 -17.05
C PRO E 31 13.16 -25.04 -16.81
N GLU E 32 11.89 -25.21 -16.48
CA GLU E 32 10.97 -24.11 -16.40
C GLU E 32 11.26 -23.12 -15.24
N PHE E 33 11.94 -23.57 -14.18
CA PHE E 33 12.32 -22.75 -13.01
C PHE E 33 13.77 -22.21 -13.06
N ALA E 34 14.57 -22.77 -13.97
CA ALA E 34 16.05 -22.51 -14.03
C ALA E 34 16.46 -21.04 -14.14
N GLU E 35 15.56 -20.16 -14.54
CA GLU E 35 15.91 -18.73 -14.61
C GLU E 35 15.01 -17.78 -13.75
N PHE E 36 14.27 -18.36 -12.81
CA PHE E 36 13.48 -17.54 -11.87
C PHE E 36 14.34 -16.59 -11.03
N PRO E 37 13.78 -15.45 -10.56
CA PRO E 37 14.48 -14.63 -9.55
C PRO E 37 15.13 -15.44 -8.42
N GLU E 38 16.32 -15.03 -7.97
CA GLU E 38 17.04 -15.72 -6.92
C GLU E 38 16.52 -15.28 -5.57
N VAL E 39 15.29 -15.69 -5.27
CA VAL E 39 14.62 -15.32 -4.03
C VAL E 39 14.19 -16.61 -3.29
N PHE E 40 14.08 -16.54 -1.97
CA PHE E 40 13.57 -17.62 -1.10
C PHE E 40 12.26 -18.22 -1.65
N ALA E 41 12.28 -19.52 -1.92
CA ALA E 41 11.19 -20.17 -2.53
C ALA E 41 10.05 -20.37 -1.56
N THR E 42 8.82 -20.18 -2.03
CA THR E 42 7.60 -20.59 -1.33
C THR E 42 7.73 -22.03 -0.71
N GLY E 43 8.14 -23.03 -1.49
CA GLY E 43 8.24 -24.37 -0.95
C GLY E 43 9.24 -24.48 0.22
N PHE E 44 10.35 -23.71 0.15
CA PHE E 44 11.33 -23.76 1.24
C PHE E 44 10.79 -22.93 2.42
N MET E 45 9.97 -21.90 2.21
CA MET E 45 9.46 -21.15 3.36
C MET E 45 8.44 -21.99 4.06
N VAL E 46 7.68 -22.72 3.29
CA VAL E 46 6.74 -23.70 3.83
C VAL E 46 7.53 -24.72 4.70
N GLY E 47 8.69 -25.20 4.23
CA GLY E 47 9.36 -26.24 5.00
C GLY E 47 10.00 -25.61 6.23
N LEU E 48 10.31 -24.31 6.21
CA LEU E 48 10.84 -23.62 7.40
C LEU E 48 9.74 -23.38 8.41
N MET E 49 8.54 -23.14 7.91
CA MET E 49 7.40 -23.03 8.83
C MET E 49 7.09 -24.35 9.51
N GLU E 50 7.21 -25.45 8.78
CA GLU E 50 7.00 -26.79 9.35
C GLU E 50 8.07 -27.05 10.38
N TRP E 51 9.32 -26.83 9.98
CA TRP E 51 10.44 -27.01 10.87
C TRP E 51 10.26 -26.33 12.25
N ALA E 52 9.83 -25.06 12.26
CA ALA E 52 9.56 -24.33 13.49
C ALA E 52 8.51 -25.09 14.36
N CYS E 53 7.41 -25.51 13.74
CA CYS E 53 6.39 -26.23 14.46
C CYS E 53 6.83 -27.59 14.96
N VAL E 54 7.53 -28.35 14.12
CA VAL E 54 8.14 -29.61 14.57
C VAL E 54 9.06 -29.40 15.81
N ARG E 55 9.89 -28.36 15.82
CA ARG E 55 10.72 -28.07 17.01
C ARG E 55 9.86 -27.72 18.26
N ALA E 56 8.82 -26.91 18.10
CA ALA E 56 7.94 -26.58 19.24
C ALA E 56 7.19 -27.80 19.81
N MET E 57 6.74 -28.69 18.94
CA MET E 57 5.93 -29.80 19.43
C MET E 57 6.76 -30.95 20.00
N ALA E 58 8.09 -30.93 19.80
CA ALA E 58 8.95 -32.07 20.17
C ALA E 58 8.96 -32.43 21.66
N PRO E 59 9.01 -31.44 22.57
CA PRO E 59 8.87 -31.73 24.03
C PRO E 59 7.57 -32.44 24.50
N TYR E 60 6.57 -32.53 23.63
CA TYR E 60 5.28 -33.05 24.03
C TYR E 60 4.99 -34.40 23.39
N LEU E 61 5.80 -34.82 22.40
CA LEU E 61 5.65 -36.12 21.76
C LEU E 61 6.10 -37.20 22.72
N GLU E 62 5.46 -38.36 22.69
CA GLU E 62 5.91 -39.49 23.46
C GLU E 62 6.92 -40.22 22.58
N PRO E 63 7.77 -41.10 23.18
CA PRO E 63 8.61 -42.04 22.37
C PRO E 63 7.84 -42.89 21.33
N GLY E 64 8.30 -42.89 20.08
CA GLY E 64 7.57 -43.63 19.07
C GLY E 64 6.56 -42.83 18.28
N GLU E 65 6.34 -41.58 18.71
CA GLU E 65 5.44 -40.63 18.04
C GLU E 65 6.19 -39.61 17.17
N GLY E 66 5.57 -39.22 16.05
CA GLY E 66 6.12 -38.24 15.10
C GLY E 66 4.96 -37.31 14.73
N SER E 67 5.11 -36.53 13.68
CA SER E 67 4.00 -35.67 13.20
C SER E 67 4.13 -35.51 11.70
N LEU E 68 3.00 -35.27 11.02
CA LEU E 68 3.09 -35.02 9.59
C LEU E 68 2.41 -33.68 9.36
N GLY E 69 2.81 -32.96 8.30
CA GLY E 69 2.08 -31.73 7.98
C GLY E 69 0.85 -32.22 7.25
N THR E 70 -0.31 -31.65 7.57
CA THR E 70 -1.57 -32.04 6.93
C THR E 70 -2.23 -30.89 6.14
N ALA E 71 -1.75 -29.67 6.36
CA ALA E 71 -2.33 -28.48 5.72
C ALA E 71 -1.39 -27.29 5.84
N ILE E 72 -1.33 -26.53 4.76
CA ILE E 72 -0.60 -25.28 4.79
C ILE E 72 -1.43 -24.27 4.04
N CYS E 73 -1.63 -23.15 4.69
CA CYS E 73 -2.35 -22.07 4.10
C CYS E 73 -1.63 -20.75 4.44
N VAL E 74 -0.87 -20.19 3.51
CA VAL E 74 -0.11 -18.94 3.79
C VAL E 74 -0.03 -18.06 2.58
N THR E 75 0.22 -16.79 2.83
CA THR E 75 0.52 -15.82 1.79
C THR E 75 2.06 -15.68 1.63
N HIS E 76 2.52 -15.10 0.53
CA HIS E 76 3.95 -14.88 0.44
C HIS E 76 4.01 -13.51 -0.17
N THR E 77 4.37 -12.52 0.65
CA THR E 77 4.07 -11.09 0.32
C THR E 77 5.28 -10.21 0.13
N ALA E 78 6.47 -10.70 0.45
CA ALA E 78 7.68 -9.95 0.15
C ALA E 78 8.73 -10.96 -0.20
N ALA E 79 9.71 -10.54 -1.01
CA ALA E 79 10.74 -11.40 -1.56
C ALA E 79 12.03 -11.26 -0.73
N THR E 80 12.69 -12.39 -0.44
CA THR E 80 13.89 -12.48 0.39
C THR E 80 15.11 -12.97 -0.40
N PRO E 81 16.08 -12.07 -0.60
CA PRO E 81 17.29 -12.53 -1.21
C PRO E 81 18.11 -13.32 -0.20
N PRO E 82 19.10 -14.12 -0.66
CA PRO E 82 19.99 -14.79 0.29
C PRO E 82 20.73 -13.79 1.19
N GLY E 83 20.96 -14.21 2.44
CA GLY E 83 21.73 -13.47 3.43
C GLY E 83 20.94 -12.84 4.57
N LEU E 84 19.64 -12.66 4.38
CA LEU E 84 18.75 -12.21 5.47
C LEU E 84 18.39 -13.37 6.37
N THR E 85 18.14 -13.03 7.64
CA THR E 85 17.60 -13.99 8.63
C THR E 85 16.08 -14.03 8.49
N VAL E 86 15.50 -15.18 8.15
CA VAL E 86 14.04 -15.28 8.26
C VAL E 86 13.73 -15.80 9.67
N THR E 87 12.87 -15.10 10.40
CA THR E 87 12.40 -15.52 11.68
C THR E 87 10.96 -15.96 11.48
N VAL E 88 10.73 -17.23 11.74
CA VAL E 88 9.38 -17.80 11.89
C VAL E 88 8.94 -17.76 13.34
N THR E 89 7.68 -17.38 13.52
CA THR E 89 6.97 -17.41 14.81
C THR E 89 5.83 -18.39 14.63
N ALA E 90 5.69 -19.35 15.54
CA ALA E 90 4.68 -20.36 15.45
C ALA E 90 3.90 -20.20 16.72
N GLU E 91 2.63 -19.87 16.65
CA GLU E 91 1.79 -19.76 17.85
C GLU E 91 0.74 -20.82 17.76
N LEU E 92 0.70 -21.74 18.75
CA LEU E 92 -0.33 -22.74 18.77
C LEU E 92 -1.73 -22.19 19.01
N ARG E 93 -2.64 -22.59 18.12
CA ARG E 93 -3.97 -22.01 18.06
C ARG E 93 -5.02 -23.02 18.53
N SER E 94 -4.82 -24.32 18.28
CA SER E 94 -5.66 -25.37 18.86
C SER E 94 -4.98 -26.73 18.90
N VAL E 95 -5.41 -27.59 19.84
CA VAL E 95 -4.83 -28.93 20.02
C VAL E 95 -5.79 -30.12 20.05
N GLU E 96 -6.97 -30.01 19.48
CA GLU E 96 -7.98 -31.11 19.53
C GLU E 96 -7.42 -32.55 19.32
N GLY E 97 -7.04 -33.23 20.40
CA GLY E 97 -6.54 -34.64 20.29
C GLY E 97 -5.19 -34.81 19.59
N ARG E 98 -5.18 -35.45 18.42
CA ARG E 98 -3.91 -35.66 17.70
C ARG E 98 -3.62 -34.52 16.73
N ARG E 99 -4.49 -33.53 16.72
CA ARG E 99 -4.46 -32.58 15.66
C ARG E 99 -4.06 -31.20 16.21
N LEU E 100 -3.01 -30.63 15.64
CA LEU E 100 -2.52 -29.35 16.11
C LEU E 100 -2.54 -28.32 14.99
N SER E 101 -2.95 -27.11 15.35
CA SER E 101 -3.02 -26.06 14.37
C SER E 101 -2.29 -24.83 14.88
N TRP E 102 -1.33 -24.35 14.07
CA TRP E 102 -0.46 -23.22 14.35
C TRP E 102 -0.73 -22.04 13.43
N ARG E 103 -0.74 -20.86 14.02
CA ARG E 103 -0.61 -19.64 13.31
C ARG E 103 0.89 -19.41 13.06
N VAL E 104 1.29 -19.36 11.79
CA VAL E 104 2.70 -19.18 11.44
C VAL E 104 2.87 -17.84 10.82
N SER E 105 3.98 -17.18 11.11
CA SER E 105 4.34 -16.02 10.32
C SER E 105 5.87 -15.87 10.16
N ALA E 106 6.32 -15.19 9.11
CA ALA E 106 7.79 -15.13 8.84
C ALA E 106 8.10 -13.68 8.51
N HIS E 107 9.26 -13.17 8.96
CA HIS E 107 9.72 -11.88 8.58
C HIS E 107 11.19 -12.07 8.33
N ASP E 108 11.72 -11.24 7.44
CA ASP E 108 13.14 -11.32 7.07
C ASP E 108 13.99 -10.17 7.60
N GLY E 109 13.52 -9.54 8.68
CA GLY E 109 14.30 -8.50 9.33
C GLY E 109 14.09 -7.19 8.63
N VAL E 110 13.69 -7.25 7.34
CA VAL E 110 13.21 -6.03 6.60
C VAL E 110 11.68 -5.95 6.45
N ASP E 111 11.04 -7.03 6.03
CA ASP E 111 9.63 -7.04 5.65
C ASP E 111 8.99 -8.32 6.25
N GLU E 112 7.73 -8.25 6.66
CA GLU E 112 6.89 -9.45 6.80
C GLU E 112 6.89 -10.15 5.45
N ILE E 113 7.11 -11.47 5.41
CA ILE E 113 7.17 -12.14 4.14
C ILE E 113 5.98 -13.04 3.93
N GLY E 114 5.29 -13.38 5.01
CA GLY E 114 4.08 -14.20 4.84
C GLY E 114 3.55 -14.75 6.14
N SER E 115 2.37 -15.33 6.07
CA SER E 115 1.67 -15.67 7.29
C SER E 115 0.44 -16.43 7.01
N GLY E 116 0.00 -17.21 7.98
CA GLY E 116 -1.22 -17.95 7.76
C GLY E 116 -1.22 -19.08 8.76
N THR E 117 -1.60 -20.26 8.32
CA THR E 117 -1.68 -21.32 9.29
C THR E 117 -1.13 -22.67 8.80
N HIS E 118 -0.82 -23.54 9.73
CA HIS E 118 -0.19 -24.84 9.40
C HIS E 118 -0.78 -25.87 10.37
N GLU E 119 -1.31 -26.97 9.83
CA GLU E 119 -1.79 -28.06 10.66
C GLU E 119 -0.94 -29.30 10.57
N ARG E 120 -0.85 -30.00 11.70
CA ARG E 120 -0.03 -31.21 11.80
C ARG E 120 -0.78 -32.32 12.49
N ALA E 121 -0.43 -33.57 12.19
CA ALA E 121 -1.02 -34.70 12.93
C ALA E 121 0.04 -35.58 13.54
N VAL E 122 -0.13 -35.85 14.83
CA VAL E 122 0.74 -36.73 15.59
C VAL E 122 0.39 -38.13 15.14
N ILE E 123 1.42 -38.90 14.83
CA ILE E 123 1.29 -40.25 14.31
C ILE E 123 2.15 -41.19 15.17
N HIS E 124 1.77 -42.48 15.19
CA HIS E 124 2.63 -43.57 15.69
C HIS E 124 3.51 -43.92 14.51
N LEU E 125 4.83 -43.80 14.68
CA LEU E 125 5.72 -43.82 13.50
C LEU E 125 5.72 -45.20 12.86
N GLU E 126 5.75 -46.24 13.70
CA GLU E 126 5.76 -47.59 13.18
C GLU E 126 4.42 -47.91 12.47
N LYS E 127 3.28 -47.42 12.99
CA LYS E 127 1.99 -47.61 12.29
C LYS E 127 1.97 -46.91 10.92
N PHE E 128 2.53 -45.71 10.89
CA PHE E 128 2.55 -44.86 9.70
C PHE E 128 3.41 -45.50 8.62
N ASN E 129 4.60 -45.98 9.01
CA ASN E 129 5.54 -46.63 8.08
C ASN E 129 4.92 -47.84 7.43
N ALA E 130 4.09 -48.57 8.18
CA ALA E 130 3.28 -49.66 7.64
C ALA E 130 2.28 -49.20 6.59
N LYS E 131 1.56 -48.11 6.86
CA LYS E 131 0.55 -47.64 5.90
C LYS E 131 1.25 -47.30 4.60
N VAL E 132 2.47 -46.72 4.68
CA VAL E 132 3.18 -46.28 3.48
C VAL E 132 3.72 -47.45 2.66
N ARG E 133 4.27 -48.47 3.34
CA ARG E 133 4.72 -49.69 2.63
C ARG E 133 3.60 -50.28 1.81
N GLN E 134 2.32 -50.03 2.14
CA GLN E 134 1.20 -50.59 1.34
C GLN E 134 1.17 -50.04 -0.08
N LYS E 135 1.84 -48.91 -0.31
CA LYS E 135 1.84 -48.34 -1.65
C LYS E 135 3.22 -48.20 -2.30
N THR E 136 4.26 -48.69 -1.63
CA THR E 136 5.57 -48.73 -2.30
C THR E 136 5.48 -49.66 -3.58
N PRO E 137 6.02 -49.18 -4.74
CA PRO E 137 5.61 -49.79 -6.03
C PRO E 137 6.12 -51.26 -6.27
N MET F 5 -5.81 -16.43 -21.41
CA MET F 5 -6.08 -17.83 -20.94
C MET F 5 -7.53 -17.88 -20.51
N ARG F 6 -8.20 -19.01 -20.77
CA ARG F 6 -9.61 -19.13 -20.44
C ARG F 6 -9.73 -19.65 -19.01
N VAL F 7 -10.54 -18.98 -18.21
CA VAL F 7 -11.00 -19.56 -16.94
C VAL F 7 -11.57 -20.97 -17.19
N GLY F 8 -11.20 -21.94 -16.36
CA GLY F 8 -11.65 -23.30 -16.53
C GLY F 8 -10.72 -24.29 -17.24
N GLU F 9 -9.73 -23.79 -17.96
CA GLU F 9 -8.74 -24.63 -18.65
C GLU F 9 -7.88 -25.34 -17.61
N ARG F 10 -7.59 -26.61 -17.84
CA ARG F 10 -6.77 -27.40 -16.90
C ARG F 10 -5.51 -27.84 -17.59
N PHE F 11 -4.43 -27.88 -16.84
CA PHE F 11 -3.16 -28.42 -17.32
C PHE F 11 -2.86 -29.53 -16.35
N THR F 12 -2.26 -30.61 -16.82
CA THR F 12 -1.86 -31.65 -15.87
C THR F 12 -0.44 -32.09 -16.18
N HIS F 13 0.26 -32.45 -15.13
CA HIS F 13 1.69 -32.60 -15.10
C HIS F 13 1.97 -33.85 -14.27
N ASP F 14 2.64 -34.83 -14.88
CA ASP F 14 3.03 -36.11 -14.20
C ASP F 14 4.49 -36.04 -13.76
N PHE F 15 4.73 -36.54 -12.56
CA PHE F 15 6.07 -36.49 -11.96
C PHE F 15 6.34 -37.72 -11.13
N VAL F 16 7.34 -38.49 -11.52
CA VAL F 16 7.69 -39.65 -10.70
C VAL F 16 8.55 -39.13 -9.56
N VAL F 17 8.19 -39.51 -8.35
CA VAL F 17 8.83 -38.93 -7.20
C VAL F 17 10.21 -39.66 -7.04
N PRO F 18 11.32 -38.92 -7.15
CA PRO F 18 12.65 -39.48 -6.89
C PRO F 18 12.94 -39.58 -5.39
N PRO F 19 14.01 -40.32 -5.03
CA PRO F 19 14.25 -40.49 -3.59
C PRO F 19 14.61 -39.19 -2.92
N HIS F 20 15.10 -38.23 -3.68
CA HIS F 20 15.59 -37.05 -3.06
C HIS F 20 14.54 -35.95 -2.86
N LYS F 21 13.27 -36.31 -2.75
CA LYS F 21 12.22 -35.31 -2.54
C LYS F 21 11.43 -35.57 -1.26
N THR F 22 12.11 -36.09 -0.26
CA THR F 22 11.52 -36.31 1.06
C THR F 22 11.82 -35.17 1.97
N VAL F 23 11.14 -35.17 3.11
CA VAL F 23 11.30 -34.09 4.03
C VAL F 23 12.76 -33.86 4.45
N ARG F 24 13.52 -34.94 4.66
CA ARG F 24 14.98 -34.78 4.96
C ARG F 24 15.81 -34.04 3.88
N HIS F 25 15.35 -34.08 2.63
CA HIS F 25 16.00 -33.41 1.49
C HIS F 25 15.63 -31.97 1.29
N LEU F 26 14.45 -31.62 1.75
CA LEU F 26 14.03 -30.22 1.69
C LEU F 26 15.00 -29.37 2.50
N TYR F 27 15.29 -29.82 3.72
CA TYR F 27 16.22 -29.16 4.67
C TYR F 27 17.27 -30.15 5.20
N PRO F 28 18.30 -30.46 4.37
CA PRO F 28 19.37 -31.36 4.85
C PRO F 28 20.10 -30.75 6.07
N GLU F 29 19.99 -29.43 6.25
CA GLU F 29 20.57 -28.77 7.44
C GLU F 29 19.77 -28.95 8.72
N SER F 30 18.65 -29.65 8.68
CA SER F 30 17.83 -29.89 9.86
C SER F 30 18.06 -31.29 10.52
N PRO F 31 18.64 -31.35 11.73
CA PRO F 31 18.69 -32.63 12.43
C PRO F 31 17.32 -33.06 12.88
N GLU F 32 16.37 -32.12 13.01
CA GLU F 32 15.02 -32.50 13.41
C GLU F 32 14.28 -33.23 12.29
N PHE F 33 14.68 -33.04 11.02
CA PHE F 33 14.04 -33.79 9.92
C PHE F 33 14.86 -35.03 9.50
N ALA F 34 16.05 -35.18 10.06
CA ALA F 34 17.00 -36.24 9.67
C ALA F 34 16.42 -37.62 9.74
N GLU F 35 15.52 -37.88 10.69
CA GLU F 35 14.96 -39.24 10.81
C GLU F 35 13.52 -39.38 10.33
N PHE F 36 12.92 -38.33 9.76
CA PHE F 36 11.51 -38.36 9.33
C PHE F 36 11.27 -39.51 8.31
N PRO F 37 10.04 -39.99 8.22
CA PRO F 37 9.73 -40.94 7.15
C PRO F 37 10.11 -40.41 5.76
N GLU F 38 10.41 -41.35 4.86
CA GLU F 38 10.83 -41.11 3.50
C GLU F 38 9.60 -40.99 2.60
N VAL F 39 8.89 -39.89 2.73
CA VAL F 39 7.71 -39.65 1.93
C VAL F 39 7.87 -38.23 1.33
N PHE F 40 7.14 -37.99 0.26
CA PHE F 40 7.14 -36.74 -0.45
C PHE F 40 6.72 -35.58 0.47
N ALA F 41 7.58 -34.55 0.54
CA ALA F 41 7.42 -33.46 1.44
C ALA F 41 6.41 -32.49 0.92
N THR F 42 5.75 -31.82 1.87
CA THR F 42 4.75 -30.79 1.51
C THR F 42 5.37 -29.64 0.75
N GLY F 43 6.55 -29.21 1.19
CA GLY F 43 7.26 -28.14 0.52
C GLY F 43 7.52 -28.48 -0.96
N PHE F 44 7.94 -29.72 -1.22
CA PHE F 44 8.10 -30.22 -2.60
C PHE F 44 6.77 -30.39 -3.39
N MET F 45 5.70 -30.80 -2.73
CA MET F 45 4.41 -30.93 -3.35
C MET F 45 3.95 -29.53 -3.75
N VAL F 46 4.15 -28.55 -2.88
CA VAL F 46 3.81 -27.14 -3.24
C VAL F 46 4.62 -26.70 -4.48
N GLY F 47 5.94 -26.98 -4.48
CA GLY F 47 6.83 -26.64 -5.58
C GLY F 47 6.33 -27.24 -6.89
N LEU F 48 5.84 -28.49 -6.88
CA LEU F 48 5.34 -29.17 -8.07
C LEU F 48 4.00 -28.57 -8.53
N MET F 49 3.20 -28.11 -7.58
CA MET F 49 1.94 -27.40 -7.94
C MET F 49 2.25 -26.02 -8.58
N GLU F 50 3.26 -25.28 -8.08
CA GLU F 50 3.66 -24.00 -8.73
C GLU F 50 4.17 -24.30 -10.11
N TRP F 51 4.89 -25.41 -10.22
CA TRP F 51 5.54 -25.79 -11.44
C TRP F 51 4.48 -26.04 -12.55
N ALA F 52 3.43 -26.79 -12.23
CA ALA F 52 2.31 -26.97 -13.12
C ALA F 52 1.75 -25.61 -13.57
N CYS F 53 1.49 -24.71 -12.62
CA CYS F 53 0.87 -23.45 -12.97
C CYS F 53 1.81 -22.60 -13.84
N VAL F 54 3.13 -22.62 -13.54
CA VAL F 54 4.06 -21.81 -14.32
C VAL F 54 4.08 -22.29 -15.78
N ARG F 55 4.04 -23.60 -15.97
CA ARG F 55 4.07 -24.18 -17.32
C ARG F 55 2.76 -23.90 -18.07
N ALA F 56 1.62 -23.94 -17.37
CA ALA F 56 0.33 -23.57 -17.98
C ALA F 56 0.28 -22.09 -18.44
N MET F 57 0.98 -21.21 -17.72
CA MET F 57 0.92 -19.76 -17.95
C MET F 57 1.89 -19.32 -19.02
N ALA F 58 2.92 -20.15 -19.23
CA ALA F 58 4.07 -19.81 -20.08
C ALA F 58 3.62 -19.27 -21.43
N PRO F 59 2.74 -19.98 -22.19
CA PRO F 59 2.43 -19.43 -23.53
C PRO F 59 1.80 -18.01 -23.56
N TYR F 60 1.40 -17.47 -22.42
CA TYR F 60 0.63 -16.23 -22.32
C TYR F 60 1.42 -15.08 -21.70
N LEU F 61 2.69 -15.29 -21.41
CA LEU F 61 3.50 -14.21 -20.87
C LEU F 61 4.20 -13.44 -22.00
N GLU F 62 4.33 -12.12 -21.89
CA GLU F 62 5.15 -11.32 -22.84
C GLU F 62 6.58 -11.60 -22.48
N PRO F 63 7.53 -11.48 -23.45
CA PRO F 63 8.91 -11.62 -22.98
C PRO F 63 9.25 -10.51 -21.98
N GLY F 64 10.04 -10.87 -20.98
CA GLY F 64 10.34 -9.98 -19.87
C GLY F 64 9.47 -10.25 -18.66
N GLU F 65 8.30 -10.88 -18.89
CA GLU F 65 7.35 -11.17 -17.84
C GLU F 65 7.66 -12.52 -17.24
N GLY F 66 7.52 -12.60 -15.93
CA GLY F 66 7.52 -13.88 -15.26
C GLY F 66 6.39 -13.90 -14.23
N SER F 67 6.48 -14.81 -13.25
CA SER F 67 5.50 -14.72 -12.16
C SER F 67 6.07 -15.23 -10.85
N LEU F 68 5.39 -14.89 -9.75
CA LEU F 68 5.78 -15.37 -8.40
C LEU F 68 4.56 -15.89 -7.64
N GLY F 69 4.75 -16.86 -6.74
CA GLY F 69 3.62 -17.29 -5.91
C GLY F 69 3.34 -16.21 -4.87
N THR F 70 2.07 -15.86 -4.68
CA THR F 70 1.67 -14.99 -3.61
C THR F 70 0.81 -15.67 -2.54
N ALA F 71 0.21 -16.82 -2.84
CA ALA F 71 -0.50 -17.55 -1.76
C ALA F 71 -0.62 -18.96 -2.14
N ILE F 72 -0.54 -19.84 -1.14
CA ILE F 72 -0.88 -21.26 -1.30
C ILE F 72 -1.83 -21.69 -0.22
N CYS F 73 -2.85 -22.50 -0.57
CA CYS F 73 -3.75 -23.04 0.49
C CYS F 73 -4.13 -24.46 0.20
N VAL F 74 -3.41 -25.43 0.77
CA VAL F 74 -3.64 -26.80 0.39
C VAL F 74 -3.64 -27.71 1.57
N THR F 75 -4.26 -28.85 1.38
CA THR F 75 -4.21 -29.97 2.30
C THR F 75 -3.21 -30.99 1.80
N HIS F 76 -2.65 -31.75 2.72
CA HIS F 76 -1.77 -32.82 2.40
C HIS F 76 -2.31 -34.06 3.12
N THR F 77 -3.10 -34.86 2.38
CA THR F 77 -4.00 -35.82 3.02
C THR F 77 -3.57 -37.29 2.88
N ALA F 78 -2.56 -37.59 2.07
CA ALA F 78 -2.03 -38.98 1.98
C ALA F 78 -0.52 -38.92 1.76
N ALA F 79 0.22 -39.94 2.22
CA ALA F 79 1.65 -39.95 2.10
C ALA F 79 2.06 -40.71 0.86
N THR F 80 3.17 -40.29 0.24
CA THR F 80 3.66 -40.89 -1.04
C THR F 80 5.13 -41.28 -0.95
N PRO F 81 5.44 -42.59 -1.04
CA PRO F 81 6.84 -42.96 -1.11
C PRO F 81 7.48 -42.60 -2.47
N PRO F 82 8.83 -42.64 -2.54
CA PRO F 82 9.47 -42.46 -3.85
C PRO F 82 9.04 -43.52 -4.83
N GLY F 83 9.05 -43.22 -6.12
CA GLY F 83 8.60 -44.23 -7.08
C GLY F 83 7.20 -44.02 -7.69
N LEU F 84 6.26 -43.54 -6.90
CA LEU F 84 4.93 -43.26 -7.43
C LEU F 84 4.95 -42.06 -8.37
N THR F 85 4.04 -42.12 -9.34
CA THR F 85 3.78 -41.02 -10.24
C THR F 85 2.72 -40.05 -9.68
N VAL F 86 3.13 -38.83 -9.39
CA VAL F 86 2.20 -37.80 -8.94
C VAL F 86 1.75 -37.01 -10.15
N THR F 87 0.44 -36.98 -10.34
CA THR F 87 -0.21 -36.11 -11.33
C THR F 87 -0.83 -34.97 -10.62
N VAL F 88 -0.43 -33.76 -11.04
CA VAL F 88 -0.92 -32.48 -10.55
C VAL F 88 -1.83 -31.90 -11.65
N THR F 89 -3.07 -31.56 -11.26
CA THR F 89 -3.95 -30.81 -12.11
C THR F 89 -3.99 -29.38 -11.63
N ALA F 90 -3.82 -28.43 -12.56
CA ALA F 90 -3.88 -27.01 -12.29
C ALA F 90 -4.94 -26.44 -13.20
N GLU F 91 -5.96 -25.83 -12.59
CA GLU F 91 -7.12 -25.29 -13.26
C GLU F 91 -7.22 -23.78 -13.00
N LEU F 92 -7.30 -22.99 -14.06
CA LEU F 92 -7.49 -21.52 -13.82
C LEU F 92 -8.87 -21.09 -13.25
N ARG F 93 -8.90 -20.37 -12.13
CA ARG F 93 -10.14 -19.91 -11.50
C ARG F 93 -10.42 -18.44 -11.87
N SER F 94 -9.37 -17.65 -12.02
CA SER F 94 -9.51 -16.23 -12.05
C SER F 94 -8.30 -15.56 -12.71
N VAL F 95 -8.56 -14.54 -13.54
CA VAL F 95 -7.54 -13.54 -13.92
C VAL F 95 -8.08 -12.15 -13.56
N GLU F 96 -7.45 -11.51 -12.58
CA GLU F 96 -7.82 -10.15 -12.23
C GLU F 96 -6.58 -9.30 -12.20
N GLY F 97 -6.30 -8.67 -13.35
CA GLY F 97 -5.13 -7.79 -13.51
C GLY F 97 -3.88 -8.65 -13.70
N ARG F 98 -2.89 -8.43 -12.84
CA ARG F 98 -1.67 -9.22 -12.91
C ARG F 98 -1.75 -10.43 -11.95
N ARG F 99 -2.93 -10.66 -11.34
CA ARG F 99 -3.20 -11.73 -10.36
C ARG F 99 -3.99 -12.93 -10.90
N LEU F 100 -3.40 -14.12 -10.80
CA LEU F 100 -4.04 -15.35 -11.27
C LEU F 100 -4.33 -16.35 -10.13
N SER F 101 -5.50 -16.96 -10.09
CA SER F 101 -5.83 -17.89 -9.01
C SER F 101 -6.07 -19.25 -9.66
N TRP F 102 -5.63 -20.32 -9.01
CA TRP F 102 -5.69 -21.62 -9.61
C TRP F 102 -6.30 -22.56 -8.58
N ARG F 103 -7.00 -23.55 -9.05
CA ARG F 103 -7.30 -24.75 -8.24
C ARG F 103 -6.17 -25.72 -8.50
N VAL F 104 -5.59 -26.26 -7.45
CA VAL F 104 -4.47 -27.19 -7.62
C VAL F 104 -4.80 -28.47 -6.85
N SER F 105 -4.51 -29.59 -7.45
CA SER F 105 -4.85 -30.89 -6.91
C SER F 105 -3.77 -31.87 -7.32
N ALA F 106 -3.56 -32.92 -6.52
CA ALA F 106 -2.47 -33.87 -6.75
C ALA F 106 -2.94 -35.29 -6.35
N HIS F 107 -2.49 -36.30 -7.07
CA HIS F 107 -2.94 -37.67 -6.84
C HIS F 107 -1.76 -38.54 -7.22
N ASP F 108 -1.43 -39.53 -6.40
CA ASP F 108 -0.19 -40.29 -6.64
C ASP F 108 -0.41 -41.62 -7.32
N GLY F 109 -1.57 -41.77 -7.96
CA GLY F 109 -1.87 -43.03 -8.61
C GLY F 109 -2.72 -43.93 -7.71
N VAL F 110 -2.59 -43.79 -6.40
CA VAL F 110 -3.35 -44.56 -5.45
C VAL F 110 -4.39 -43.69 -4.71
N ASP F 111 -3.96 -42.51 -4.25
CA ASP F 111 -4.73 -41.66 -3.33
C ASP F 111 -4.74 -40.24 -3.85
N GLU F 112 -5.81 -39.48 -3.58
CA GLU F 112 -5.71 -38.01 -3.67
C GLU F 112 -4.70 -37.62 -2.56
N ILE F 113 -3.69 -36.82 -2.90
CA ILE F 113 -2.66 -36.49 -1.89
C ILE F 113 -2.79 -35.05 -1.40
N GLY F 114 -3.53 -34.21 -2.11
CA GLY F 114 -3.68 -32.85 -1.64
C GLY F 114 -4.41 -31.98 -2.62
N SER F 115 -4.98 -30.89 -2.13
CA SER F 115 -5.64 -29.99 -3.07
C SER F 115 -5.97 -28.70 -2.40
N GLY F 116 -6.31 -27.72 -3.22
CA GLY F 116 -6.60 -26.42 -2.73
C GLY F 116 -6.40 -25.39 -3.84
N THR F 117 -5.86 -24.23 -3.45
CA THR F 117 -5.69 -23.06 -4.30
C THR F 117 -4.29 -22.46 -4.23
N HIS F 118 -3.91 -21.74 -5.30
CA HIS F 118 -2.64 -21.11 -5.41
C HIS F 118 -2.85 -19.81 -6.16
N GLU F 119 -2.28 -18.72 -5.67
CA GLU F 119 -2.37 -17.46 -6.37
C GLU F 119 -0.98 -17.06 -6.91
N ARG F 120 -0.92 -16.47 -8.09
CA ARG F 120 0.36 -15.96 -8.67
C ARG F 120 0.20 -14.57 -9.15
N ALA F 121 1.28 -13.82 -9.03
CA ALA F 121 1.35 -12.50 -9.53
C ALA F 121 2.30 -12.44 -10.75
N VAL F 122 1.86 -11.82 -11.85
CA VAL F 122 2.76 -11.56 -13.00
C VAL F 122 3.71 -10.39 -12.70
N ILE F 123 5.01 -10.53 -12.98
CA ILE F 123 5.96 -9.47 -12.69
C ILE F 123 6.77 -9.06 -13.92
N HIS F 124 7.39 -7.88 -13.88
CA HIS F 124 8.42 -7.57 -14.89
C HIS F 124 9.73 -8.12 -14.33
N LEU F 125 10.30 -9.14 -14.98
CA LEU F 125 11.42 -9.92 -14.38
C LEU F 125 12.62 -9.03 -14.00
N GLU F 126 13.06 -8.19 -14.95
CA GLU F 126 14.30 -7.40 -14.71
C GLU F 126 14.11 -6.30 -13.69
N LYS F 127 12.93 -5.70 -13.73
CA LYS F 127 12.50 -4.72 -12.74
C LYS F 127 12.51 -5.35 -11.35
N PHE F 128 11.80 -6.47 -11.18
CA PHE F 128 11.77 -7.19 -9.88
C PHE F 128 13.18 -7.58 -9.40
N ASN F 129 14.02 -8.07 -10.33
CA ASN F 129 15.39 -8.41 -10.04
C ASN F 129 16.23 -7.24 -9.52
N ALA F 130 16.07 -6.07 -10.12
CA ALA F 130 16.75 -4.89 -9.63
C ALA F 130 16.24 -4.51 -8.24
N LYS F 131 14.94 -4.60 -8.01
CA LYS F 131 14.33 -4.37 -6.69
C LYS F 131 14.91 -5.33 -5.62
N VAL F 132 15.05 -6.61 -5.97
CA VAL F 132 15.69 -7.65 -5.09
C VAL F 132 17.17 -7.35 -4.81
N ARG F 133 17.95 -7.12 -5.87
CA ARG F 133 19.35 -6.64 -5.76
C ARG F 133 19.48 -5.49 -4.74
N GLN F 134 18.52 -4.57 -4.76
CA GLN F 134 18.46 -3.48 -3.77
C GLN F 134 18.35 -3.92 -2.29
N LYS F 135 17.49 -4.88 -1.95
CA LYS F 135 17.36 -5.24 -0.53
C LYS F 135 18.34 -6.34 -0.12
N THR F 136 19.21 -6.75 -1.02
CA THR F 136 20.32 -7.63 -0.63
C THR F 136 21.21 -6.88 0.41
N PRO F 137 21.52 -7.53 1.54
CA PRO F 137 22.31 -6.79 2.53
C PRO F 137 23.74 -6.49 2.07
N MET G 5 18.58 21.37 27.23
CA MET G 5 18.68 22.58 26.34
C MET G 5 17.51 23.56 26.52
N ARG G 6 17.81 24.85 26.70
CA ARG G 6 16.81 25.87 26.97
C ARG G 6 16.37 26.62 25.71
N VAL G 7 15.04 26.70 25.47
CA VAL G 7 14.50 27.71 24.54
C VAL G 7 15.01 29.15 24.89
N GLY G 8 15.61 29.85 23.93
CA GLY G 8 16.15 31.17 24.19
C GLY G 8 17.66 31.24 24.37
N GLU G 9 18.29 30.07 24.56
CA GLU G 9 19.73 29.95 24.68
C GLU G 9 20.27 30.47 23.37
N ARG G 10 21.25 31.37 23.42
CA ARG G 10 21.95 31.74 22.18
C ARG G 10 23.41 31.34 22.11
N PHE G 11 23.90 31.36 20.87
CA PHE G 11 25.25 31.07 20.61
C PHE G 11 25.76 32.02 19.54
N THR G 12 26.97 32.51 19.68
CA THR G 12 27.52 33.37 18.66
C THR G 12 28.76 32.74 18.05
N HIS G 13 28.94 32.87 16.74
CA HIS G 13 29.99 32.13 16.04
C HIS G 13 30.55 33.13 15.04
N ASP G 14 31.85 33.44 15.14
CA ASP G 14 32.49 34.40 14.24
C ASP G 14 33.37 33.67 13.24
N PHE G 15 33.46 34.20 12.02
CA PHE G 15 34.10 33.49 10.90
C PHE G 15 34.54 34.47 9.87
N VAL G 16 35.88 34.61 9.77
CA VAL G 16 36.47 35.46 8.75
C VAL G 16 36.35 34.77 7.40
N VAL G 17 35.73 35.44 6.43
CA VAL G 17 35.40 34.76 5.17
C VAL G 17 36.68 34.63 4.31
N PRO G 18 37.15 33.38 4.03
CA PRO G 18 38.33 33.21 3.13
C PRO G 18 37.99 33.45 1.65
N PRO G 19 39.02 33.61 0.79
CA PRO G 19 38.72 33.85 -0.63
C PRO G 19 37.99 32.69 -1.31
N HIS G 20 38.10 31.49 -0.73
CA HIS G 20 37.56 30.29 -1.28
C HIS G 20 36.12 29.97 -0.82
N LYS G 21 35.41 30.92 -0.24
CA LYS G 21 33.97 30.69 0.03
C LYS G 21 32.98 31.45 -0.85
N THR G 22 33.40 31.73 -2.06
CA THR G 22 32.57 32.45 -3.00
C THR G 22 31.81 31.44 -3.85
N VAL G 23 30.85 31.96 -4.60
CA VAL G 23 30.01 31.20 -5.48
C VAL G 23 30.76 30.14 -6.31
N ARG G 24 31.88 30.52 -6.97
CA ARG G 24 32.62 29.60 -7.91
C ARG G 24 33.23 28.47 -7.14
N HIS G 25 33.51 28.71 -5.86
CA HIS G 25 34.10 27.69 -5.01
C HIS G 25 33.13 26.64 -4.55
N LEU G 26 31.84 26.97 -4.53
CA LEU G 26 30.87 25.96 -4.10
C LEU G 26 30.80 24.80 -5.13
N TYR G 27 30.87 25.16 -6.39
CA TYR G 27 30.79 24.20 -7.49
C TYR G 27 31.87 24.56 -8.51
N PRO G 28 33.12 24.15 -8.24
CA PRO G 28 34.20 24.39 -9.21
C PRO G 28 33.87 23.69 -10.55
N GLU G 29 33.07 22.65 -10.51
CA GLU G 29 32.68 21.96 -11.76
C GLU G 29 31.67 22.74 -12.59
N SER G 30 31.32 23.96 -12.19
CA SER G 30 30.23 24.63 -12.87
C SER G 30 30.77 25.76 -13.72
N PRO G 31 30.63 25.64 -15.03
CA PRO G 31 31.11 26.72 -15.89
C PRO G 31 30.16 27.91 -15.82
N GLU G 32 28.91 27.68 -15.43
CA GLU G 32 27.93 28.79 -15.30
C GLU G 32 28.23 29.72 -14.14
N PHE G 33 28.87 29.21 -13.08
CA PHE G 33 29.28 30.01 -11.88
C PHE G 33 30.74 30.52 -11.95
N ALA G 34 31.51 30.01 -12.92
CA ALA G 34 32.96 30.34 -13.02
C ALA G 34 33.29 31.83 -13.00
N GLU G 35 32.45 32.67 -13.61
CA GLU G 35 32.69 34.13 -13.58
C GLU G 35 31.79 34.98 -12.64
N PHE G 36 31.07 34.35 -11.73
CA PHE G 36 30.25 35.06 -10.71
C PHE G 36 31.04 36.01 -9.81
N PRO G 37 30.41 37.09 -9.31
CA PRO G 37 30.96 38.01 -8.29
C PRO G 37 31.62 37.22 -7.14
N GLU G 38 32.71 37.79 -6.61
CA GLU G 38 33.53 37.11 -5.62
C GLU G 38 32.93 37.53 -4.27
N VAL G 39 31.73 36.98 -4.01
CA VAL G 39 31.05 37.24 -2.76
C VAL G 39 30.62 35.90 -2.10
N PHE G 40 30.59 35.88 -0.77
CA PHE G 40 30.16 34.76 0.04
C PHE G 40 28.86 34.13 -0.47
N ALA G 41 28.92 32.82 -0.75
CA ALA G 41 27.77 32.12 -1.35
C ALA G 41 26.69 31.77 -0.33
N THR G 42 25.43 31.79 -0.79
CA THR G 42 24.30 31.37 0.05
C THR G 42 24.58 29.96 0.60
N GLY G 43 25.05 29.06 -0.27
CA GLY G 43 25.37 27.68 0.20
C GLY G 43 26.33 27.68 1.39
N PHE G 44 27.37 28.51 1.31
CA PHE G 44 28.38 28.57 2.36
C PHE G 44 27.78 29.27 3.61
N MET G 45 26.95 30.28 3.45
CA MET G 45 26.32 30.93 4.62
C MET G 45 25.40 29.99 5.37
N VAL G 46 24.70 29.14 4.63
CA VAL G 46 23.80 28.17 5.21
C VAL G 46 24.64 27.14 6.01
N GLY G 47 25.78 26.74 5.42
CA GLY G 47 26.73 25.85 6.07
C GLY G 47 27.27 26.44 7.36
N LEU G 48 27.55 27.76 7.40
CA LEU G 48 28.07 28.43 8.59
C LEU G 48 26.99 28.54 9.67
N MET G 49 25.75 28.79 9.24
CA MET G 49 24.60 28.77 10.15
C MET G 49 24.36 27.40 10.77
N GLU G 50 24.49 26.33 10.00
CA GLU G 50 24.39 24.98 10.55
C GLU G 50 25.52 24.69 11.54
N TRP G 51 26.72 25.14 11.21
CA TRP G 51 27.89 24.90 12.04
C TRP G 51 27.74 25.58 13.41
N ALA G 52 27.18 26.79 13.45
CA ALA G 52 26.83 27.47 14.69
C ALA G 52 25.87 26.64 15.52
N CYS G 53 24.80 26.13 14.93
CA CYS G 53 23.80 25.38 15.65
C CYS G 53 24.36 24.02 16.09
N VAL G 54 25.23 23.43 15.28
CA VAL G 54 25.83 22.13 15.67
C VAL G 54 26.67 22.31 16.95
N ARG G 55 27.47 23.35 17.00
CA ARG G 55 28.31 23.66 18.18
C ARG G 55 27.46 23.96 19.45
N ALA G 56 26.41 24.74 19.27
CA ALA G 56 25.51 25.11 20.37
C ALA G 56 24.82 23.90 20.97
N MET G 57 24.41 22.93 20.14
CA MET G 57 23.71 21.73 20.64
C MET G 57 24.63 20.61 21.14
N ALA G 58 25.92 20.73 20.84
CA ALA G 58 26.87 19.66 21.13
C ALA G 58 26.86 19.31 22.60
N PRO G 59 26.84 20.29 23.51
CA PRO G 59 26.95 19.86 24.94
C PRO G 59 25.75 19.04 25.46
N TYR G 60 24.68 18.95 24.67
CA TYR G 60 23.48 18.27 25.08
C TYR G 60 23.20 16.94 24.38
N LEU G 61 24.04 16.51 23.45
CA LEU G 61 23.80 15.19 22.84
C LEU G 61 24.26 14.06 23.78
N GLU G 62 23.58 12.91 23.77
CA GLU G 62 24.10 11.71 24.44
C GLU G 62 25.21 11.12 23.57
N PRO G 63 26.12 10.28 24.15
CA PRO G 63 27.10 9.59 23.27
C PRO G 63 26.32 8.72 22.27
N GLY G 64 26.71 8.73 21.01
CA GLY G 64 25.92 8.01 20.00
C GLY G 64 24.91 8.85 19.24
N GLU G 65 24.59 10.06 19.76
CA GLU G 65 23.75 11.01 19.02
C GLU G 65 24.58 11.98 18.16
N GLY G 66 24.03 12.30 16.99
CA GLY G 66 24.51 13.38 16.12
C GLY G 66 23.30 14.13 15.67
N SER G 67 23.48 15.02 14.71
CA SER G 67 22.33 15.66 14.07
C SER G 67 22.46 15.87 12.57
N LEU G 68 21.32 16.07 11.91
CA LEU G 68 21.32 16.47 10.49
C LEU G 68 20.39 17.68 10.29
N GLY G 69 20.72 18.51 9.32
CA GLY G 69 19.86 19.63 9.00
C GLY G 69 18.66 19.09 8.24
N THR G 70 17.48 19.54 8.63
CA THR G 70 16.22 19.05 8.00
C THR G 70 15.43 20.16 7.27
N ALA G 71 15.78 21.43 7.54
CA ALA G 71 15.13 22.55 6.83
C ALA G 71 16.03 23.74 7.01
N ILE G 72 16.07 24.60 5.98
CA ILE G 72 16.75 25.91 6.08
C ILE G 72 15.88 26.96 5.37
N CYS G 73 15.73 28.12 5.98
CA CYS G 73 14.87 29.13 5.34
C CYS G 73 15.42 30.44 5.76
N VAL G 74 16.07 31.14 4.83
CA VAL G 74 16.75 32.39 5.10
C VAL G 74 16.56 33.32 3.98
N THR G 75 16.77 34.60 4.28
CA THR G 75 16.95 35.61 3.24
C THR G 75 18.45 35.95 3.20
N HIS G 76 18.94 36.42 2.05
CA HIS G 76 20.33 36.80 1.92
C HIS G 76 20.28 38.21 1.33
N THR G 77 20.46 39.20 2.21
CA THR G 77 20.00 40.59 2.00
C THR G 77 21.14 41.59 1.80
N ALA G 78 22.40 41.15 1.95
CA ALA G 78 23.56 41.98 1.61
C ALA G 78 24.75 41.04 1.34
N ALA G 79 25.66 41.46 0.48
CA ALA G 79 26.73 40.64 -0.02
C ALA G 79 28.00 40.96 0.70
N THR G 80 28.88 39.95 0.75
CA THR G 80 30.07 40.00 1.60
C THR G 80 31.28 39.45 0.82
N PRO G 81 32.25 40.33 0.58
CA PRO G 81 33.51 39.94 -0.03
C PRO G 81 34.43 39.18 1.00
N PRO G 82 35.42 38.45 0.51
CA PRO G 82 36.38 37.79 1.41
C PRO G 82 37.10 38.75 2.41
N GLY G 83 37.26 38.32 3.66
CA GLY G 83 38.01 39.20 4.57
C GLY G 83 37.29 39.78 5.76
N LEU G 84 35.98 39.94 5.61
CA LEU G 84 35.13 40.49 6.60
C LEU G 84 34.79 39.37 7.54
N THR G 85 34.43 39.71 8.79
CA THR G 85 34.07 38.68 9.76
C THR G 85 32.56 38.51 9.74
N VAL G 86 32.07 37.33 9.39
CA VAL G 86 30.66 37.08 9.55
C VAL G 86 30.39 36.50 10.94
N THR G 87 29.42 37.06 11.65
CA THR G 87 29.08 36.58 12.95
C THR G 87 27.68 36.06 12.81
N VAL G 88 27.53 34.80 13.19
CA VAL G 88 26.22 34.10 13.14
C VAL G 88 25.70 34.01 14.55
N THR G 89 24.44 34.38 14.75
CA THR G 89 23.79 34.25 16.04
C THR G 89 22.72 33.16 15.84
N ALA G 90 22.74 32.12 16.65
CA ALA G 90 21.74 31.01 16.69
C ALA G 90 21.01 31.05 18.04
N GLU G 91 19.70 31.13 18.01
CA GLU G 91 18.87 31.10 19.24
C GLU G 91 17.85 29.96 19.15
N LEU G 92 17.84 29.03 20.09
CA LEU G 92 16.87 27.92 20.03
C LEU G 92 15.43 28.45 20.21
N ARG G 93 14.56 28.10 19.27
CA ARG G 93 13.17 28.57 19.32
C ARG G 93 12.23 27.48 19.76
N SER G 94 12.53 26.22 19.42
CA SER G 94 11.70 25.10 19.89
C SER G 94 12.39 23.76 19.88
N VAL G 95 11.80 22.82 20.63
CA VAL G 95 12.17 21.38 20.66
C VAL G 95 10.93 20.46 20.53
N GLU G 96 10.63 19.91 19.36
CA GLU G 96 9.59 18.87 19.27
C GLU G 96 10.22 17.47 19.11
N GLY G 97 10.34 16.79 20.23
CA GLY G 97 10.85 15.43 20.22
C GLY G 97 12.35 15.48 19.97
N ARG G 98 12.78 14.96 18.83
CA ARG G 98 14.21 14.97 18.49
C ARG G 98 14.48 16.07 17.42
N ARG G 99 13.48 16.89 17.17
CA ARG G 99 13.60 17.99 16.20
C ARG G 99 13.69 19.35 16.89
N LEU G 100 14.74 20.10 16.52
CA LEU G 100 15.05 21.42 17.10
C LEU G 100 15.04 22.48 16.00
N SER G 101 14.47 23.62 16.35
CA SER G 101 14.36 24.76 15.45
C SER G 101 15.06 25.99 16.04
N TRP G 102 16.00 26.51 15.26
CA TRP G 102 16.81 27.66 15.60
C TRP G 102 16.43 28.87 14.79
N ARG G 103 16.40 30.03 15.43
CA ARG G 103 16.43 31.28 14.73
C ARG G 103 17.92 31.61 14.48
N VAL G 104 18.26 31.86 13.23
CA VAL G 104 19.64 32.17 12.81
C VAL G 104 19.71 33.51 12.14
N SER G 105 20.79 34.26 12.39
CA SER G 105 21.06 35.47 11.63
C SER G 105 22.57 35.73 11.53
N ALA G 106 22.96 36.57 10.60
CA ALA G 106 24.37 36.75 10.25
C ALA G 106 24.52 38.21 9.85
N HIS G 107 25.64 38.79 10.27
CA HIS G 107 25.99 40.17 10.02
C HIS G 107 27.49 40.16 9.69
N ASP G 108 27.95 41.00 8.79
CA ASP G 108 29.36 40.94 8.40
C ASP G 108 30.17 42.09 8.95
N GLY G 109 29.63 42.72 9.99
CA GLY G 109 30.27 43.82 10.67
C GLY G 109 29.91 45.10 9.97
N VAL G 110 29.34 45.02 8.76
CA VAL G 110 28.85 46.21 8.09
C VAL G 110 27.35 46.18 8.00
N ASP G 111 26.80 45.09 7.45
CA ASP G 111 25.38 44.88 7.33
C ASP G 111 24.94 43.56 7.89
N GLU G 112 23.67 43.46 8.26
CA GLU G 112 22.98 42.18 8.30
C GLU G 112 22.98 41.59 6.91
N ILE G 113 23.45 40.36 6.79
CA ILE G 113 23.54 39.73 5.50
C ILE G 113 22.45 38.67 5.37
N GLY G 114 21.89 38.21 6.48
CA GLY G 114 20.85 37.19 6.33
C GLY G 114 20.18 36.86 7.64
N SER G 115 18.99 36.28 7.54
CA SER G 115 18.33 35.74 8.71
C SER G 115 17.19 34.75 8.35
N GLY G 116 16.79 33.94 9.30
CA GLY G 116 15.70 33.03 9.10
C GLY G 116 15.75 31.96 10.18
N THR G 117 15.53 30.72 9.76
CA THR G 117 15.36 29.57 10.62
C THR G 117 16.08 28.33 10.13
N HIS G 118 16.53 27.51 11.06
CA HIS G 118 17.13 26.25 10.67
C HIS G 118 16.61 25.19 11.60
N GLU G 119 16.24 24.05 11.03
CA GLU G 119 15.73 22.93 11.80
C GLU G 119 16.71 21.75 11.68
N ARG G 120 16.85 21.05 12.78
CA ARG G 120 17.69 19.87 12.87
C ARG G 120 16.94 18.74 13.60
N ALA G 121 17.31 17.51 13.25
CA ALA G 121 16.79 16.31 13.86
C ALA G 121 17.99 15.55 14.49
N VAL G 122 17.85 15.17 15.74
CA VAL G 122 18.88 14.37 16.44
C VAL G 122 18.75 12.92 15.93
N ILE G 123 19.85 12.32 15.52
CA ILE G 123 19.87 10.94 15.01
C ILE G 123 20.77 10.07 15.89
N HIS G 124 20.47 8.76 15.93
CA HIS G 124 21.44 7.76 16.36
C HIS G 124 22.45 7.66 15.24
N LEU G 125 23.67 8.13 15.45
CA LEU G 125 24.61 8.26 14.32
C LEU G 125 24.88 6.96 13.61
N GLU G 126 25.06 5.87 14.37
CA GLU G 126 25.45 4.60 13.78
C GLU G 126 24.30 3.86 13.07
N LYS G 127 23.09 3.96 13.62
CA LYS G 127 21.90 3.47 12.94
C LYS G 127 21.69 4.23 11.62
N PHE G 128 21.72 5.57 11.65
CA PHE G 128 21.66 6.35 10.42
C PHE G 128 22.74 5.96 9.39
N ASN G 129 23.99 5.78 9.85
CA ASN G 129 25.09 5.38 8.96
C ASN G 129 24.86 4.03 8.23
N ALA G 130 24.33 3.05 8.97
CA ALA G 130 23.96 1.77 8.40
C ALA G 130 22.85 1.95 7.36
N LYS G 131 21.86 2.80 7.65
CA LYS G 131 20.85 3.13 6.62
C LYS G 131 21.43 3.70 5.33
N VAL G 132 22.29 4.70 5.44
CA VAL G 132 22.84 5.23 4.20
C VAL G 132 23.75 4.22 3.54
N ARG G 133 24.37 3.32 4.33
CA ARG G 133 25.12 2.20 3.76
C ARG G 133 24.18 1.34 2.91
N GLN G 134 22.95 1.17 3.36
CA GLN G 134 22.02 0.30 2.63
C GLN G 134 21.46 0.96 1.35
N LYS G 135 21.30 2.30 1.30
CA LYS G 135 20.86 2.92 0.02
C LYS G 135 22.02 3.34 -0.89
N THR G 136 23.27 3.10 -0.45
CA THR G 136 24.46 3.39 -1.26
C THR G 136 24.48 2.54 -2.52
N PRO G 137 24.51 3.20 -3.72
CA PRO G 137 24.57 2.58 -5.05
C PRO G 137 25.47 1.33 -5.07
N MET H 5 10.88 35.70 -19.88
CA MET H 5 10.68 34.22 -19.67
C MET H 5 9.32 33.91 -19.06
N ARG H 6 8.80 32.73 -19.35
CA ARG H 6 7.40 32.49 -18.99
C ARG H 6 7.18 31.75 -17.65
N VAL H 7 6.37 32.36 -16.79
CA VAL H 7 5.87 31.69 -15.59
C VAL H 7 5.35 30.26 -15.85
N GLY H 8 5.83 29.30 -15.07
CA GLY H 8 5.38 27.95 -15.26
C GLY H 8 6.44 27.08 -15.96
N GLU H 9 7.39 27.70 -16.64
CA GLU H 9 8.52 26.99 -17.27
C GLU H 9 9.32 26.21 -16.23
N ARG H 10 9.71 24.98 -16.61
CA ARG H 10 10.43 24.04 -15.75
C ARG H 10 11.75 23.70 -16.43
N PHE H 11 12.83 23.69 -15.64
CA PHE H 11 14.10 23.19 -16.09
C PHE H 11 14.47 21.97 -15.23
N THR H 12 15.05 20.92 -15.77
CA THR H 12 15.64 19.95 -14.87
C THR H 12 17.15 19.82 -15.01
N HIS H 13 17.81 19.83 -13.87
CA HIS H 13 19.26 19.83 -13.79
C HIS H 13 19.63 18.47 -13.10
N ASP H 14 20.45 17.65 -13.74
CA ASP H 14 20.86 16.34 -13.15
C ASP H 14 22.33 16.40 -12.76
N PHE H 15 22.68 15.75 -11.63
CA PHE H 15 24.00 15.95 -11.06
C PHE H 15 24.35 14.69 -10.32
N VAL H 16 25.35 13.98 -10.79
CA VAL H 16 25.76 12.74 -10.05
C VAL H 16 26.64 13.18 -8.89
N VAL H 17 26.23 12.81 -7.68
CA VAL H 17 26.89 13.34 -6.49
C VAL H 17 28.28 12.67 -6.34
N PRO H 18 29.37 13.47 -6.31
CA PRO H 18 30.75 12.97 -6.15
C PRO H 18 31.07 12.78 -4.67
N PRO H 19 32.16 12.03 -4.36
CA PRO H 19 32.46 11.93 -2.92
C PRO H 19 32.72 13.25 -2.19
N HIS H 20 33.16 14.29 -2.87
CA HIS H 20 33.49 15.48 -2.12
C HIS H 20 32.33 16.45 -1.99
N LYS H 21 31.07 15.98 -1.94
CA LYS H 21 30.03 16.99 -1.73
C LYS H 21 29.29 16.70 -0.47
N THR H 22 30.02 16.24 0.52
CA THR H 22 29.37 15.86 1.73
C THR H 22 29.70 16.88 2.71
N VAL H 23 29.21 16.68 3.89
CA VAL H 23 29.24 17.70 4.89
C VAL H 23 30.61 18.17 5.31
N ARG H 24 31.54 17.25 5.47
CA ARG H 24 32.91 17.64 5.82
C ARG H 24 33.65 18.47 4.73
N HIS H 25 33.26 18.30 3.46
CA HIS H 25 33.82 19.05 2.31
C HIS H 25 33.27 20.46 2.09
N LEU H 26 32.09 20.78 2.65
CA LEU H 26 31.63 22.16 2.59
C LEU H 26 32.52 23.11 3.42
N TYR H 27 32.92 22.63 4.59
CA TYR H 27 33.82 23.32 5.51
C TYR H 27 34.92 22.33 5.94
N PRO H 28 35.98 22.16 5.10
CA PRO H 28 37.00 21.19 5.49
C PRO H 28 37.74 21.65 6.73
N GLU H 29 37.58 22.92 7.06
CA GLU H 29 38.26 23.58 8.17
C GLU H 29 37.41 23.58 9.44
N SER H 30 36.34 22.79 9.43
CA SER H 30 35.51 22.66 10.61
C SER H 30 35.83 21.33 11.28
N PRO H 31 36.39 21.40 12.49
CA PRO H 31 36.60 20.14 13.21
C PRO H 31 35.24 19.54 13.66
N GLU H 32 34.24 20.40 13.86
CA GLU H 32 32.94 19.93 14.31
C GLU H 32 32.17 19.08 13.30
N PHE H 33 32.47 19.24 11.99
CA PHE H 33 31.83 18.46 10.92
C PHE H 33 32.71 17.28 10.50
N ALA H 34 33.94 17.19 11.02
CA ALA H 34 34.94 16.19 10.48
C ALA H 34 34.46 14.75 10.34
N GLU H 35 33.67 14.31 11.33
CA GLU H 35 33.13 12.95 11.48
C GLU H 35 31.62 12.80 11.15
N PHE H 36 31.04 13.80 10.48
CA PHE H 36 29.63 13.71 10.07
C PHE H 36 29.37 12.56 9.06
N PRO H 37 28.12 12.05 8.99
CA PRO H 37 27.77 11.10 7.89
C PRO H 37 28.17 11.63 6.50
N GLU H 38 28.57 10.70 5.64
CA GLU H 38 29.02 10.98 4.29
C GLU H 38 27.86 11.12 3.32
N VAL H 39 27.04 12.12 3.55
CA VAL H 39 25.83 12.36 2.74
C VAL H 39 25.92 13.77 2.22
N PHE H 40 25.20 14.03 1.10
CA PHE H 40 25.16 15.34 0.36
C PHE H 40 24.75 16.45 1.32
N ALA H 41 25.57 17.50 1.40
CA ALA H 41 25.33 18.56 2.40
C ALA H 41 24.18 19.43 1.94
N THR H 42 23.43 19.94 2.90
CA THR H 42 22.38 20.94 2.66
C THR H 42 22.85 22.13 1.88
N GLY H 43 23.98 22.73 2.26
CA GLY H 43 24.55 23.81 1.52
C GLY H 43 24.96 23.45 0.10
N PHE H 44 25.43 22.23 -0.15
CA PHE H 44 25.62 21.89 -1.54
C PHE H 44 24.30 21.65 -2.30
N MET H 45 23.27 21.12 -1.65
CA MET H 45 21.97 20.98 -2.26
C MET H 45 21.39 22.33 -2.70
N VAL H 46 21.55 23.35 -1.86
CA VAL H 46 21.16 24.74 -2.16
C VAL H 46 21.91 25.27 -3.36
N GLY H 47 23.23 25.00 -3.38
CA GLY H 47 24.09 25.33 -4.51
C GLY H 47 23.58 24.75 -5.80
N LEU H 48 23.18 23.48 -5.81
CA LEU H 48 22.72 22.83 -7.00
C LEU H 48 21.36 23.41 -7.43
N MET H 49 20.50 23.69 -6.46
CA MET H 49 19.20 24.39 -6.71
C MET H 49 19.43 25.77 -7.38
N GLU H 50 20.36 26.56 -6.84
CA GLU H 50 20.70 27.88 -7.46
C GLU H 50 21.25 27.64 -8.86
N TRP H 51 22.10 26.63 -9.00
CA TRP H 51 22.68 26.33 -10.31
C TRP H 51 21.61 26.03 -11.34
N ALA H 52 20.64 25.19 -11.01
CA ALA H 52 19.50 24.94 -11.87
C ALA H 52 18.77 26.24 -12.25
N CYS H 53 18.55 27.17 -11.31
CA CYS H 53 17.83 28.44 -11.59
C CYS H 53 18.66 29.36 -12.45
N VAL H 54 19.93 29.55 -12.11
CA VAL H 54 20.89 30.23 -13.01
C VAL H 54 20.93 29.68 -14.47
N ARG H 55 20.95 28.37 -14.66
CA ARG H 55 20.93 27.87 -16.05
C ARG H 55 19.59 28.28 -16.74
N ALA H 56 18.48 28.13 -16.03
CA ALA H 56 17.17 28.41 -16.56
C ALA H 56 16.98 29.87 -16.98
N MET H 57 17.57 30.80 -16.22
CA MET H 57 17.41 32.23 -16.50
C MET H 57 18.31 32.70 -17.58
N ALA H 58 19.32 31.93 -17.92
CA ALA H 58 20.42 32.52 -18.68
C ALA H 58 20.00 33.07 -20.04
N PRO H 59 19.07 32.41 -20.76
CA PRO H 59 18.77 33.00 -22.12
C PRO H 59 18.03 34.34 -22.11
N TYR H 60 17.73 34.82 -20.92
CA TYR H 60 16.82 35.90 -20.78
C TYR H 60 17.55 37.04 -20.11
N LEU H 61 18.84 36.85 -19.78
CA LEU H 61 19.67 37.98 -19.27
C LEU H 61 20.29 38.78 -20.40
N GLU H 62 20.37 40.10 -20.24
CA GLU H 62 21.05 40.95 -21.22
C GLU H 62 22.54 40.80 -21.01
N PRO H 63 23.36 41.19 -22.03
CA PRO H 63 24.79 41.29 -21.75
C PRO H 63 25.08 42.27 -20.63
N GLY H 64 25.95 41.88 -19.73
CA GLY H 64 26.28 42.72 -18.60
C GLY H 64 25.48 42.45 -17.33
N GLU H 65 24.48 41.57 -17.45
CA GLU H 65 23.60 41.21 -16.34
C GLU H 65 23.95 39.86 -15.75
N GLY H 66 23.80 39.76 -14.44
CA GLY H 66 23.90 38.45 -13.77
C GLY H 66 22.81 38.36 -12.75
N SER H 67 23.00 37.50 -11.78
CA SER H 67 21.97 37.34 -10.77
C SER H 67 22.57 36.87 -9.47
N LEU H 68 21.87 37.20 -8.37
CA LEU H 68 22.30 36.69 -7.06
C LEU H 68 21.15 35.99 -6.38
N GLY H 69 21.49 35.04 -5.47
CA GLY H 69 20.44 34.42 -4.70
C GLY H 69 20.13 35.34 -3.55
N THR H 70 18.85 35.66 -3.39
CA THR H 70 18.41 36.48 -2.29
C THR H 70 17.53 35.76 -1.22
N ALA H 71 17.06 34.54 -1.49
CA ALA H 71 16.30 33.81 -0.48
C ALA H 71 16.30 32.35 -0.87
N ILE H 72 16.22 31.50 0.14
CA ILE H 72 16.06 30.09 -0.10
C ILE H 72 15.20 29.52 1.04
N CYS H 73 14.26 28.65 0.74
CA CYS H 73 13.48 28.05 1.82
C CYS H 73 13.16 26.60 1.49
N VAL H 74 13.92 25.63 2.01
CA VAL H 74 13.76 24.29 1.52
C VAL H 74 13.85 23.29 2.70
N THR H 75 13.18 22.16 2.58
CA THR H 75 13.40 21.06 3.44
C THR H 75 14.53 20.14 2.89
N HIS H 76 15.14 19.39 3.81
CA HIS H 76 16.07 18.37 3.40
C HIS H 76 15.62 17.08 4.12
N THR H 77 14.89 16.22 3.39
CA THR H 77 14.09 15.13 4.01
C THR H 77 14.58 13.68 3.83
N ALA H 78 15.58 13.44 2.99
CA ALA H 78 16.15 12.11 2.85
C ALA H 78 17.59 12.38 2.56
N ALA H 79 18.45 11.45 2.94
CA ALA H 79 19.88 11.62 2.78
C ALA H 79 20.40 10.95 1.54
N THR H 80 21.44 11.54 0.94
CA THR H 80 22.01 11.03 -0.33
C THR H 80 23.49 10.69 -0.27
N PRO H 81 23.81 9.41 -0.45
CA PRO H 81 25.20 9.01 -0.51
C PRO H 81 25.80 9.42 -1.87
N PRO H 82 27.15 9.53 -1.99
CA PRO H 82 27.78 9.74 -3.27
C PRO H 82 27.41 8.64 -4.28
N GLY H 83 27.28 9.04 -5.54
CA GLY H 83 27.01 8.06 -6.61
C GLY H 83 25.59 8.06 -7.15
N LEU H 84 24.67 8.65 -6.40
CA LEU H 84 23.30 8.73 -6.87
C LEU H 84 23.21 9.99 -7.70
N THR H 85 22.25 9.97 -8.60
CA THR H 85 21.94 11.13 -9.45
C THR H 85 20.92 12.01 -8.74
N VAL H 86 21.29 13.28 -8.47
CA VAL H 86 20.27 14.18 -7.94
C VAL H 86 19.70 14.92 -9.14
N THR H 87 18.37 14.94 -9.28
CA THR H 87 17.70 15.81 -10.25
C THR H 87 17.02 16.95 -9.52
N VAL H 88 17.31 18.19 -9.95
CA VAL H 88 16.69 19.38 -9.41
C VAL H 88 15.70 19.87 -10.47
N THR H 89 14.48 20.14 -10.02
CA THR H 89 13.44 20.72 -10.89
C THR H 89 13.29 22.13 -10.47
N ALA H 90 13.32 23.04 -11.44
CA ALA H 90 13.22 24.44 -11.12
C ALA H 90 12.13 25.01 -11.96
N GLU H 91 11.15 25.60 -11.29
CA GLU H 91 9.99 26.10 -11.99
C GLU H 91 9.81 27.54 -11.71
N LEU H 92 9.74 28.37 -12.74
CA LEU H 92 9.48 29.77 -12.48
C LEU H 92 8.04 30.09 -12.01
N ARG H 93 7.94 30.73 -10.83
CA ARG H 93 6.65 31.12 -10.25
C ARG H 93 6.17 32.53 -10.59
N SER H 94 7.10 33.48 -10.64
CA SER H 94 6.74 34.92 -10.76
C SER H 94 7.98 35.71 -11.15
N VAL H 95 7.81 36.84 -11.86
CA VAL H 95 8.88 37.81 -12.16
C VAL H 95 8.30 39.17 -11.77
N GLU H 96 8.76 39.71 -10.64
CA GLU H 96 8.37 41.03 -10.18
C GLU H 96 9.58 41.95 -10.29
N GLY H 97 9.65 42.70 -11.38
CA GLY H 97 10.70 43.71 -11.57
C GLY H 97 11.99 42.96 -11.86
N ARG H 98 12.99 43.10 -10.99
CA ARG H 98 14.25 42.36 -11.18
C ARG H 98 14.32 41.07 -10.36
N ARG H 99 13.21 40.70 -9.70
CA ARG H 99 13.15 39.60 -8.75
C ARG H 99 12.44 38.43 -9.37
N LEU H 100 13.07 37.26 -9.37
CA LEU H 100 12.45 36.07 -9.90
C LEU H 100 12.36 35.05 -8.77
N SER H 101 11.20 34.38 -8.67
CA SER H 101 10.93 33.42 -7.65
C SER H 101 10.65 32.09 -8.32
N TRP H 102 11.20 31.01 -7.74
CA TRP H 102 11.24 29.72 -8.30
C TRP H 102 10.69 28.72 -7.27
N ARG H 103 10.05 27.66 -7.74
CA ARG H 103 9.85 26.53 -6.87
C ARG H 103 11.04 25.60 -7.22
N VAL H 104 11.67 25.01 -6.21
CA VAL H 104 12.75 24.09 -6.46
C VAL H 104 12.44 22.77 -5.75
N SER H 105 12.85 21.70 -6.37
CA SER H 105 12.57 20.37 -5.89
C SER H 105 13.72 19.49 -6.24
N ALA H 106 14.08 18.47 -5.40
CA ALA H 106 15.26 17.63 -5.66
C ALA H 106 14.87 16.21 -5.32
N HIS H 107 15.36 15.29 -6.14
CA HIS H 107 15.11 13.89 -5.93
C HIS H 107 16.40 13.15 -6.36
N ASP H 108 16.77 12.11 -5.61
CA ASP H 108 17.94 11.29 -5.92
C ASP H 108 17.71 9.92 -6.64
N GLY H 109 16.60 9.75 -7.33
CA GLY H 109 16.33 8.48 -7.98
C GLY H 109 15.77 7.42 -7.05
N VAL H 110 15.94 7.63 -5.73
CA VAL H 110 15.46 6.69 -4.71
C VAL H 110 14.40 7.37 -3.85
N ASP H 111 14.71 8.57 -3.37
CA ASP H 111 13.81 9.31 -2.53
C ASP H 111 13.76 10.76 -3.02
N GLU H 112 12.67 11.44 -2.71
CA GLU H 112 12.62 12.91 -2.79
C GLU H 112 13.45 13.44 -1.61
N ILE H 113 14.38 14.35 -1.87
CA ILE H 113 15.36 14.74 -0.86
C ILE H 113 15.10 16.14 -0.32
N GLY H 114 14.31 16.90 -1.02
CA GLY H 114 14.10 18.32 -0.56
C GLY H 114 13.24 19.12 -1.54
N SER H 115 12.60 20.18 -1.04
CA SER H 115 11.83 21.03 -1.92
C SER H 115 11.46 22.26 -1.20
N GLY H 116 11.11 23.27 -2.00
CA GLY H 116 10.69 24.54 -1.42
C GLY H 116 10.87 25.64 -2.43
N THR H 117 11.47 26.75 -2.02
CA THR H 117 11.49 27.95 -2.87
C THR H 117 12.85 28.60 -2.92
N HIS H 118 13.05 29.43 -3.94
CA HIS H 118 14.26 30.21 -4.11
C HIS H 118 13.95 31.52 -4.83
N GLU H 119 14.55 32.59 -4.36
CA GLU H 119 14.35 33.91 -4.95
C GLU H 119 15.71 34.41 -5.48
N ARG H 120 15.71 34.96 -6.69
CA ARG H 120 16.92 35.55 -7.29
C ARG H 120 16.65 37.00 -7.70
N ALA H 121 17.72 37.78 -7.68
CA ALA H 121 17.67 39.17 -8.10
C ALA H 121 18.64 39.42 -9.25
N VAL H 122 18.11 39.95 -10.34
CA VAL H 122 18.95 40.30 -11.52
C VAL H 122 19.80 41.53 -11.17
N ILE H 123 21.09 41.45 -11.47
CA ILE H 123 22.03 42.52 -11.15
C ILE H 123 22.80 42.92 -12.39
N HIS H 124 23.24 44.16 -12.34
CA HIS H 124 24.14 44.73 -13.32
C HIS H 124 25.50 44.49 -12.78
N LEU H 125 26.25 43.60 -13.45
CA LEU H 125 27.47 43.09 -12.84
C LEU H 125 28.47 44.17 -12.44
N GLU H 126 28.79 45.09 -13.34
CA GLU H 126 29.84 46.08 -13.01
C GLU H 126 29.47 47.03 -11.87
N LYS H 127 28.22 47.39 -11.80
CA LYS H 127 27.66 48.21 -10.74
C LYS H 127 27.68 47.49 -9.40
N PHE H 128 27.25 46.23 -9.42
CA PHE H 128 27.28 45.39 -8.19
C PHE H 128 28.73 45.20 -7.70
N ASN H 129 29.64 44.89 -8.62
CA ASN H 129 31.05 44.80 -8.25
C ASN H 129 31.58 46.07 -7.55
N ALA H 130 31.29 47.25 -8.12
CA ALA H 130 31.67 48.50 -7.45
C ALA H 130 31.08 48.56 -6.03
N LYS H 131 29.82 48.20 -5.86
CA LYS H 131 29.20 48.26 -4.53
C LYS H 131 29.89 47.35 -3.54
N VAL H 132 30.30 46.18 -4.04
CA VAL H 132 31.01 45.22 -3.20
C VAL H 132 32.37 45.76 -2.74
N ARG H 133 33.13 46.33 -3.68
CA ARG H 133 34.40 47.02 -3.37
C ARG H 133 34.32 48.08 -2.25
N GLN H 134 33.15 48.69 -2.03
CA GLN H 134 32.94 49.57 -0.87
C GLN H 134 33.15 48.87 0.48
N LYS H 135 33.04 47.55 0.49
CA LYS H 135 33.23 46.76 1.70
C LYS H 135 34.58 46.09 1.78
N THR H 136 35.12 45.63 0.68
CA THR H 136 36.35 44.81 0.72
C THR H 136 37.41 45.51 1.65
N PRO H 137 37.98 44.74 2.59
CA PRO H 137 38.77 45.46 3.60
C PRO H 137 40.21 45.80 3.14
C2 ENW I . -3.05 14.48 2.47
C3 ENW I . -3.80 15.48 1.59
F4 ENW I . -5.18 15.34 1.44
O4 ENW I . -1.87 13.98 2.03
O5 ENW I . -3.44 14.10 3.57
C6 ENW I . -0.96 13.51 3.02
C7 ENW I . 0.25 12.92 2.33
N8 ENW I . 0.61 11.69 3.00
C9 ENW I . 1.43 10.76 2.52
C10 ENW I . 2.05 10.89 1.16
O11 ENW I . 1.64 9.78 3.20
C2 ENW J . 2.32 -36.01 4.49
C3 ENW J . 3.35 -34.91 4.79
F4 ENW J . 4.66 -35.26 4.52
O4 ENW J . 1.12 -35.84 5.05
O5 ENW J . 2.56 -36.98 3.77
C6 ENW J . 0.33 -37.04 4.96
C7 ENW J . -0.86 -36.80 5.89
N8 ENW J . -1.86 -37.84 5.81
C9 ENW J . -2.99 -37.82 6.52
C10 ENW J . -3.24 -36.70 7.48
O11 ENW J . -3.81 -38.70 6.41
#